data_7Y1H
#
_entry.id   7Y1H
#
_cell.length_a   71.698
_cell.length_b   92.364
_cell.length_c   87.504
_cell.angle_alpha   90.000
_cell.angle_beta   108.200
_cell.angle_gamma   90.000
#
_symmetry.space_group_name_H-M   'P 1 21 1'
#
loop_
_entity.id
_entity.type
_entity.pdbx_description
1 polymer 'Bifunctional glutamate/proline--tRNA ligase'
2 non-polymer 1-(5-chloranyl-4-methyl-benzimidazol-1-yl)-3-[(2R,3S)-3-oxidanylpiperidin-2-yl]propan-2-one
3 non-polymer "ADENOSINE-5'-TRIPHOSPHATE"
4 non-polymer 'ZINC ION'
5 non-polymer 'MAGNESIUM ION'
6 water water
#
_entity_poly.entity_id   1
_entity_poly.type   'polypeptide(L)'
_entity_poly.pdbx_seq_one_letter_code
;GAGEGQGPKKQTRLGLEAKKEENLADWYSQVITKSEMIEYHDISGCYILRPWAYAIWEAIKDFFDAEIKKLGVENCYFPM
FVSQSALEKEKTHVADFAPEVAWVTRSGKTELAEPIAIRPTSETVMYPAYAKWVQSHRDLPIKLNQWCNVVRWEFKHPQP
FLRTREFLWQEGHSAFATMEEAAEEVLQILDLYAQVYEELLAIPVVKGRKTEKEKFAGGDYTTTIEAFISASGRAIQGGT
SHHLGQNFSKMFEIVFEDPKIPGEKQFAYQNSWGLTTRTIGVMTMVHGDNMGLVLPPRVACVQVVIIPCGITNALSEEDK
EALIAKCNDYRRRLLSVNIRVRADLRDNYSPGWKFNHWELKGVPIRLEVGPRDMKSCQFVAVRRDTGEKLTVAENEAETK
LQAILEDIQVTLFTRASEDLKTHMVVANTMEDFQKILDSGKIVQIPFCGEIDCEDWIKKTTARDQDLEPGAPSMGAKSLC
IPFKPLCELQPGAKCVCGKNPAKYYTLFGRSY
;
_entity_poly.pdbx_strand_id   A,B
#
# COMPACT_ATOMS: atom_id res chain seq x y z
N LEU A 16 -16.10 -19.95 20.77
CA LEU A 16 -16.73 -18.67 20.49
C LEU A 16 -18.01 -18.65 21.34
N GLU A 17 -18.34 -17.60 22.14
CA GLU A 17 -19.54 -17.89 22.93
C GLU A 17 -20.78 -17.43 22.22
N ALA A 18 -20.74 -16.24 21.63
CA ALA A 18 -21.98 -15.61 21.23
C ALA A 18 -22.52 -16.30 19.98
N LYS A 19 -23.79 -16.02 19.70
CA LYS A 19 -24.45 -16.59 18.54
C LYS A 19 -24.92 -15.45 17.65
N LYS A 20 -24.68 -15.62 16.35
CA LYS A 20 -24.86 -14.55 15.38
C LYS A 20 -26.31 -14.10 15.34
N GLU A 21 -27.25 -15.03 15.52
CA GLU A 21 -28.67 -14.68 15.52
C GLU A 21 -29.12 -14.07 16.84
N GLU A 22 -28.34 -14.22 17.91
CA GLU A 22 -28.81 -13.74 19.19
C GLU A 22 -28.35 -12.33 19.46
N ASN A 23 -27.04 -12.13 19.48
CA ASN A 23 -26.51 -10.79 19.68
C ASN A 23 -25.45 -10.54 18.59
N LEU A 24 -25.79 -9.80 17.54
CA LEU A 24 -24.86 -9.66 16.42
C LEU A 24 -23.57 -8.94 16.81
N ALA A 25 -23.65 -7.85 17.59
CA ALA A 25 -22.44 -7.08 17.93
C ALA A 25 -21.39 -7.90 18.67
N ASP A 26 -21.79 -8.73 19.63
CA ASP A 26 -20.76 -9.47 20.37
C ASP A 26 -20.28 -10.71 19.60
N TRP A 27 -21.11 -11.29 18.75
CA TRP A 27 -20.65 -12.32 17.85
C TRP A 27 -19.57 -11.77 16.91
N TYR A 28 -19.84 -10.60 16.33
CA TYR A 28 -18.91 -9.97 15.40
C TYR A 28 -17.60 -9.62 16.08
N SER A 29 -17.68 -9.00 17.26
CA SER A 29 -16.48 -8.70 18.02
C SER A 29 -15.70 -9.98 18.31
N GLN A 30 -16.40 -11.08 18.56
CA GLN A 30 -15.71 -12.30 18.90
C GLN A 30 -15.14 -13.02 17.68
N VAL A 31 -15.82 -12.93 16.53
CA VAL A 31 -15.29 -13.56 15.32
C VAL A 31 -14.07 -12.81 14.81
N ILE A 32 -14.09 -11.48 14.87
CA ILE A 32 -12.99 -10.75 14.24
C ILE A 32 -11.73 -10.87 15.06
N THR A 33 -11.85 -10.98 16.39
CA THR A 33 -10.67 -11.08 17.24
C THR A 33 -10.17 -12.52 17.34
N LYS A 34 -11.07 -13.48 17.56
CA LYS A 34 -10.59 -14.86 17.66
C LYS A 34 -10.21 -15.46 16.32
N SER A 35 -10.62 -14.87 15.19
CA SER A 35 -10.02 -15.26 13.93
C SER A 35 -8.66 -14.63 13.73
N GLU A 36 -8.24 -13.75 14.66
CA GLU A 36 -7.00 -12.99 14.57
C GLU A 36 -6.97 -12.04 13.37
N MET A 37 -8.12 -11.47 13.05
CA MET A 37 -8.17 -10.44 12.03
C MET A 37 -7.86 -9.06 12.62
N ILE A 38 -8.48 -8.76 13.76
CA ILE A 38 -8.53 -7.42 14.35
C ILE A 38 -7.93 -7.43 15.75
N GLU A 39 -7.18 -6.37 16.08
CA GLU A 39 -6.84 -6.04 17.45
C GLU A 39 -7.26 -4.60 17.74
N TYR A 40 -7.70 -4.35 18.97
CA TYR A 40 -8.21 -3.05 19.34
C TYR A 40 -7.07 -2.08 19.65
N HIS A 41 -7.36 -0.80 19.45
CA HIS A 41 -6.39 0.28 19.66
C HIS A 41 -6.95 1.20 20.74
N ASP A 42 -6.09 2.05 21.30
CA ASP A 42 -6.56 2.99 22.32
C ASP A 42 -7.06 4.30 21.71
N ILE A 43 -7.16 4.39 20.38
CA ILE A 43 -7.82 5.51 19.70
C ILE A 43 -9.17 5.01 19.19
N SER A 44 -10.25 5.57 19.73
CA SER A 44 -11.61 5.16 19.36
C SER A 44 -11.82 5.14 17.85
N GLY A 45 -12.45 4.08 17.36
CA GLY A 45 -12.75 3.94 15.95
C GLY A 45 -11.58 3.54 15.09
N CYS A 46 -10.42 3.26 15.68
CA CYS A 46 -9.25 2.77 14.96
C CYS A 46 -8.92 1.36 15.42
N TYR A 47 -8.65 0.50 14.45
CA TYR A 47 -8.45 -0.93 14.68
C TYR A 47 -7.24 -1.42 13.91
N ILE A 48 -6.45 -2.28 14.55
CA ILE A 48 -5.29 -2.91 13.93
C ILE A 48 -5.75 -3.99 12.97
N LEU A 49 -5.15 -4.02 11.77
CA LEU A 49 -5.45 -5.08 10.79
C LEU A 49 -4.33 -6.11 10.91
N ARG A 50 -4.61 -7.22 11.57
CA ARG A 50 -3.59 -8.25 11.73
C ARG A 50 -3.40 -8.92 10.37
N PRO A 51 -2.33 -9.71 10.19
CA PRO A 51 -2.08 -10.26 8.85
C PRO A 51 -3.25 -11.03 8.26
N TRP A 52 -4.03 -11.73 9.10
CA TRP A 52 -5.15 -12.52 8.56
C TRP A 52 -6.16 -11.62 7.84
N ALA A 53 -6.44 -10.43 8.38
CA ALA A 53 -7.34 -9.52 7.66
C ALA A 53 -6.62 -8.83 6.51
N TYR A 54 -5.37 -8.41 6.74
CA TYR A 54 -4.69 -7.65 5.70
C TYR A 54 -4.49 -8.50 4.45
N ALA A 55 -4.28 -9.81 4.61
CA ALA A 55 -4.12 -10.65 3.42
C ALA A 55 -5.37 -10.58 2.56
N ILE A 56 -6.53 -10.36 3.17
CA ILE A 56 -7.75 -10.28 2.38
C ILE A 56 -7.74 -9.01 1.56
N TRP A 57 -7.42 -7.89 2.20
CA TRP A 57 -7.24 -6.64 1.50
C TRP A 57 -6.27 -6.79 0.35
N GLU A 58 -5.14 -7.47 0.59
CA GLU A 58 -4.16 -7.64 -0.48
C GLU A 58 -4.76 -8.40 -1.66
N ALA A 59 -5.61 -9.40 -1.38
CA ALA A 59 -6.23 -10.16 -2.46
C ALA A 59 -7.19 -9.30 -3.27
N ILE A 60 -7.97 -8.46 -2.58
CA ILE A 60 -8.87 -7.54 -3.27
C ILE A 60 -8.06 -6.57 -4.11
N LYS A 61 -6.99 -6.05 -3.50
CA LYS A 61 -6.10 -5.08 -4.12
C LYS A 61 -5.44 -5.65 -5.37
N ASP A 62 -5.01 -6.90 -5.30
CA ASP A 62 -4.35 -7.52 -6.46
C ASP A 62 -5.33 -7.67 -7.62
N PHE A 63 -6.58 -8.00 -7.33
CA PHE A 63 -7.55 -8.15 -8.40
C PHE A 63 -7.87 -6.79 -9.02
N PHE A 64 -8.38 -5.87 -8.19
CA PHE A 64 -8.81 -4.56 -8.67
C PHE A 64 -7.69 -3.85 -9.39
N ASP A 65 -6.47 -3.94 -8.85
CA ASP A 65 -5.35 -3.24 -9.46
C ASP A 65 -5.10 -3.73 -10.88
N ALA A 66 -5.10 -5.06 -11.06
CA ALA A 66 -4.88 -5.61 -12.39
C ALA A 66 -5.95 -5.12 -13.36
N GLU A 67 -7.20 -5.08 -12.89
CA GLU A 67 -8.32 -4.74 -13.76
C GLU A 67 -8.25 -3.28 -14.20
N ILE A 68 -8.01 -2.36 -13.27
CA ILE A 68 -7.99 -0.96 -13.66
C ILE A 68 -6.81 -0.66 -14.57
N LYS A 69 -5.73 -1.43 -14.44
CA LYS A 69 -4.62 -1.23 -15.36
C LYS A 69 -5.04 -1.57 -16.79
N LYS A 70 -5.92 -2.55 -16.96
CA LYS A 70 -6.41 -2.85 -18.30
C LYS A 70 -7.18 -1.66 -18.87
N LEU A 71 -7.83 -0.88 -18.01
CA LEU A 71 -8.60 0.27 -18.45
C LEU A 71 -7.73 1.50 -18.65
N GLY A 72 -6.42 1.39 -18.43
CA GLY A 72 -5.49 2.50 -18.62
C GLY A 72 -5.21 3.32 -17.38
N VAL A 73 -5.78 2.98 -16.23
CA VAL A 73 -5.57 3.73 -15.00
C VAL A 73 -4.16 3.46 -14.47
N GLU A 74 -3.51 4.51 -13.94
CA GLU A 74 -2.16 4.41 -13.42
C GLU A 74 -2.15 4.73 -11.92
N ASN A 75 -1.20 4.15 -11.20
CA ASN A 75 -1.13 4.32 -9.76
C ASN A 75 -0.14 5.41 -9.40
N CYS A 76 -0.47 6.16 -8.34
CA CYS A 76 0.29 7.34 -7.92
C CYS A 76 0.13 7.49 -6.41
N TYR A 77 0.72 8.54 -5.84
CA TYR A 77 0.50 8.79 -4.41
C TYR A 77 0.57 10.28 -4.18
N PHE A 78 -0.54 10.86 -3.70
CA PHE A 78 -0.72 12.29 -3.42
C PHE A 78 -0.62 12.54 -1.93
N PRO A 79 -0.29 13.77 -1.51
CA PRO A 79 -0.07 14.03 -0.08
C PRO A 79 -1.33 13.76 0.73
N MET A 80 -1.14 13.33 1.99
CA MET A 80 -2.24 13.17 2.93
C MET A 80 -2.71 14.51 3.49
N PHE A 81 -1.84 15.52 3.51
CA PHE A 81 -2.17 16.81 4.13
C PHE A 81 -2.83 17.74 3.12
N VAL A 82 -3.92 18.40 3.55
CA VAL A 82 -4.67 19.35 2.73
C VAL A 82 -4.62 20.70 3.42
N SER A 83 -4.11 21.72 2.72
CA SER A 83 -3.99 23.02 3.35
C SER A 83 -5.37 23.59 3.65
N GLN A 84 -5.42 24.43 4.68
CA GLN A 84 -6.69 25.05 5.05
C GLN A 84 -7.27 25.83 3.88
N SER A 85 -6.42 26.51 3.12
CA SER A 85 -6.92 27.32 2.01
C SER A 85 -7.48 26.44 0.90
N ALA A 86 -6.74 25.38 0.54
CA ALA A 86 -7.18 24.52 -0.57
C ALA A 86 -8.48 23.80 -0.23
N LEU A 87 -8.62 23.34 1.01
CA LEU A 87 -9.79 22.58 1.40
C LEU A 87 -11.06 23.43 1.34
N GLU A 88 -10.95 24.70 1.72
CA GLU A 88 -12.06 25.63 1.75
C GLU A 88 -12.18 26.47 0.48
N LYS A 89 -11.16 26.47 -0.39
CA LYS A 89 -11.16 27.35 -1.55
C LYS A 89 -12.39 27.12 -2.43
N GLU A 90 -12.71 25.87 -2.72
CA GLU A 90 -13.84 25.54 -3.57
C GLU A 90 -14.90 24.75 -2.81
N LYS A 91 -16.13 24.75 -3.34
CA LYS A 91 -17.20 23.88 -2.85
C LYS A 91 -17.01 22.45 -3.37
N THR A 92 -16.09 21.72 -2.75
CA THR A 92 -15.92 20.32 -3.10
C THR A 92 -16.85 19.39 -2.33
N HIS A 93 -17.23 19.76 -1.10
CA HIS A 93 -18.11 18.98 -0.25
C HIS A 93 -19.09 19.92 0.45
N VAL A 94 -20.25 19.38 0.84
CA VAL A 94 -21.21 20.19 1.58
C VAL A 94 -20.70 20.45 3.00
N ALA A 95 -21.09 21.59 3.57
CA ALA A 95 -20.60 21.97 4.90
C ALA A 95 -20.98 20.94 5.96
N ASP A 96 -21.95 20.07 5.67
CA ASP A 96 -22.30 18.98 6.58
C ASP A 96 -21.13 18.04 6.85
N PHE A 97 -20.15 17.97 5.94
CA PHE A 97 -18.99 17.10 6.14
C PHE A 97 -17.90 17.74 7.01
N ALA A 98 -17.92 19.05 7.20
CA ALA A 98 -16.87 19.74 7.95
C ALA A 98 -16.53 19.11 9.30
N PRO A 99 -17.48 18.60 10.10
CA PRO A 99 -17.10 18.04 11.41
C PRO A 99 -16.25 16.78 11.33
N GLU A 100 -16.19 16.11 10.18
CA GLU A 100 -15.47 14.85 10.07
C GLU A 100 -14.00 15.04 9.71
N VAL A 101 -13.57 16.27 9.48
CA VAL A 101 -12.21 16.54 9.03
C VAL A 101 -11.31 16.70 10.24
N ALA A 102 -10.23 15.91 10.29
CA ALA A 102 -9.25 15.98 11.36
C ALA A 102 -8.19 17.01 11.03
N TRP A 103 -7.84 17.84 12.00
CA TRP A 103 -6.93 18.96 11.76
C TRP A 103 -5.65 18.81 12.59
N VAL A 104 -4.51 18.84 11.90
CA VAL A 104 -3.21 18.97 12.54
C VAL A 104 -3.02 20.45 12.84
N THR A 105 -2.77 20.77 14.12
CA THR A 105 -2.67 22.16 14.54
C THR A 105 -1.32 22.53 15.15
N ARG A 106 -0.40 21.59 15.34
CA ARG A 106 0.90 21.91 15.94
C ARG A 106 1.85 20.76 15.70
N SER A 107 3.14 21.11 15.62
CA SER A 107 4.22 20.13 15.65
C SER A 107 4.99 20.31 16.97
N GLY A 108 5.19 19.20 17.68
CA GLY A 108 5.70 19.32 19.03
C GLY A 108 4.79 20.23 19.82
N LYS A 109 5.36 21.29 20.40
CA LYS A 109 4.58 22.27 21.15
C LYS A 109 4.34 23.56 20.36
N THR A 110 4.85 23.65 19.13
CA THR A 110 4.78 24.86 18.32
C THR A 110 3.55 24.82 17.43
N GLU A 111 2.59 25.71 17.69
CA GLU A 111 1.42 25.82 16.84
C GLU A 111 1.82 26.19 15.42
N LEU A 112 1.19 25.51 14.45
CA LEU A 112 1.33 25.90 13.05
C LEU A 112 0.66 27.24 12.79
N ALA A 113 1.26 28.02 11.88
CA ALA A 113 0.66 29.30 11.51
C ALA A 113 -0.74 29.08 10.95
N GLU A 114 -0.90 28.08 10.07
CA GLU A 114 -2.21 27.67 9.59
C GLU A 114 -2.42 26.18 9.84
N PRO A 115 -3.60 25.78 10.31
CA PRO A 115 -3.83 24.35 10.52
C PRO A 115 -3.91 23.60 9.20
N ILE A 116 -3.59 22.31 9.26
CA ILE A 116 -3.55 21.45 8.09
C ILE A 116 -4.49 20.29 8.31
N ALA A 117 -5.20 19.89 7.26
CA ALA A 117 -6.19 18.83 7.37
C ALA A 117 -5.62 17.50 6.88
N ILE A 118 -6.11 16.43 7.47
CA ILE A 118 -5.80 15.09 7.01
C ILE A 118 -6.85 14.70 5.97
N ARG A 119 -6.38 14.27 4.81
CA ARG A 119 -7.23 13.90 3.69
C ARG A 119 -8.43 13.10 4.16
N PRO A 120 -9.67 13.58 3.94
CA PRO A 120 -10.82 12.66 4.07
C PRO A 120 -11.24 12.04 2.76
N THR A 121 -10.65 12.58 1.69
CA THR A 121 -10.79 12.24 0.28
C THR A 121 -9.84 13.21 -0.43
N SER A 122 -9.47 12.92 -1.68
CA SER A 122 -8.33 13.66 -2.23
C SER A 122 -8.66 14.63 -3.39
N GLU A 123 -9.93 15.00 -3.57
CA GLU A 123 -10.30 15.95 -4.65
C GLU A 123 -9.51 17.26 -4.58
N THR A 124 -9.50 17.90 -3.41
CA THR A 124 -8.84 19.19 -3.27
C THR A 124 -7.31 19.09 -3.32
N VAL A 125 -6.75 17.89 -3.24
CA VAL A 125 -5.30 17.77 -3.36
C VAL A 125 -4.91 17.51 -4.81
N MET A 126 -5.72 16.70 -5.47
CA MET A 126 -5.47 16.23 -6.83
C MET A 126 -5.92 17.23 -7.89
N TYR A 127 -7.11 17.79 -7.74
CA TYR A 127 -7.64 18.54 -8.86
C TYR A 127 -6.85 19.82 -9.16
N PRO A 128 -6.24 20.48 -8.15
CA PRO A 128 -5.32 21.58 -8.48
C PRO A 128 -4.16 21.15 -9.36
N ALA A 129 -3.66 19.93 -9.17
CA ALA A 129 -2.59 19.46 -10.06
C ALA A 129 -3.14 19.08 -11.43
N TYR A 130 -4.34 18.49 -11.49
CA TYR A 130 -4.97 18.22 -12.78
C TYR A 130 -5.05 19.49 -13.62
N ALA A 131 -5.43 20.62 -13.01
CA ALA A 131 -5.55 21.85 -13.77
C ALA A 131 -4.21 22.27 -14.37
N LYS A 132 -3.11 22.06 -13.64
CA LYS A 132 -1.79 22.42 -14.14
C LYS A 132 -1.34 21.48 -15.26
N TRP A 133 -1.74 20.23 -15.21
CA TRP A 133 -1.29 19.26 -16.19
C TRP A 133 -2.08 19.31 -17.48
N VAL A 134 -3.31 19.83 -17.44
CA VAL A 134 -4.20 19.87 -18.60
C VAL A 134 -3.97 21.21 -19.30
N GLN A 135 -3.16 21.18 -20.36
CA GLN A 135 -2.88 22.36 -21.16
C GLN A 135 -3.44 22.29 -22.58
N SER A 136 -3.81 21.10 -23.05
CA SER A 136 -4.34 20.89 -24.38
C SER A 136 -5.02 19.54 -24.42
N HIS A 137 -5.72 19.27 -25.52
CA HIS A 137 -6.44 18.01 -25.66
C HIS A 137 -5.50 16.80 -25.56
N ARG A 138 -4.22 17.01 -25.88
CA ARG A 138 -3.22 15.95 -25.75
C ARG A 138 -3.08 15.48 -24.31
N ASP A 139 -3.31 16.36 -23.34
CA ASP A 139 -3.09 16.04 -21.94
C ASP A 139 -4.22 15.21 -21.34
N LEU A 140 -5.30 14.95 -22.09
CA LEU A 140 -6.39 14.10 -21.62
C LEU A 140 -6.43 12.81 -22.41
N PRO A 141 -6.94 11.70 -21.84
CA PRO A 141 -7.47 11.56 -20.47
C PRO A 141 -6.38 11.46 -19.39
N ILE A 142 -6.70 11.92 -18.19
CA ILE A 142 -5.92 11.65 -16.99
C ILE A 142 -6.70 10.62 -16.19
N LYS A 143 -6.05 9.51 -15.86
CA LYS A 143 -6.67 8.42 -15.10
C LYS A 143 -5.70 8.02 -14.00
N LEU A 144 -5.90 8.51 -12.77
CA LEU A 144 -4.99 8.19 -11.68
C LEU A 144 -5.73 7.46 -10.57
N ASN A 145 -5.02 6.55 -9.91
CA ASN A 145 -5.57 5.79 -8.78
C ASN A 145 -4.52 5.77 -7.68
N GLN A 146 -4.95 5.88 -6.43
CA GLN A 146 -4.03 5.71 -5.30
C GLN A 146 -4.65 4.84 -4.23
N TRP A 147 -3.84 3.91 -3.71
CA TRP A 147 -4.15 3.09 -2.55
C TRP A 147 -3.56 3.80 -1.34
N CYS A 148 -4.39 4.13 -0.35
CA CYS A 148 -3.91 5.01 0.70
C CYS A 148 -4.88 4.92 1.86
N ASN A 149 -4.55 5.62 2.93
CA ASN A 149 -5.39 5.63 4.11
C ASN A 149 -6.09 6.97 4.18
N VAL A 150 -7.29 6.97 4.75
CA VAL A 150 -8.05 8.20 4.84
C VAL A 150 -8.66 8.25 6.22
N VAL A 151 -8.87 9.47 6.71
CA VAL A 151 -9.38 9.72 8.05
C VAL A 151 -10.68 10.47 7.93
N ARG A 152 -11.72 9.95 8.56
CA ARG A 152 -12.98 10.66 8.72
C ARG A 152 -13.42 10.53 10.17
N TRP A 153 -13.55 11.65 10.86
CA TRP A 153 -13.92 11.59 12.28
C TRP A 153 -15.41 11.28 12.37
N GLU A 154 -15.73 10.00 12.15
CA GLU A 154 -17.12 9.57 12.06
C GLU A 154 -17.88 9.88 13.33
N PHE A 155 -19.07 10.46 13.16
CA PHE A 155 -20.03 10.60 14.25
C PHE A 155 -20.81 9.29 14.46
N LYS A 156 -21.20 8.64 13.37
CA LYS A 156 -22.00 7.43 13.49
C LYS A 156 -21.18 6.34 14.16
N HIS A 157 -21.87 5.31 14.60
CA HIS A 157 -21.21 4.33 15.45
C HIS A 157 -20.08 3.62 14.70
N PRO A 158 -18.81 3.79 15.11
CA PRO A 158 -17.75 3.08 14.41
C PRO A 158 -17.80 1.61 14.75
N GLN A 159 -17.46 0.77 13.77
CA GLN A 159 -17.42 -0.70 13.93
C GLN A 159 -16.25 -1.22 13.12
N PRO A 160 -15.51 -2.20 13.61
CA PRO A 160 -14.42 -2.73 12.77
C PRO A 160 -14.94 -3.08 11.38
N PHE A 161 -14.30 -2.46 10.42
CA PHE A 161 -14.15 -2.49 8.98
C PHE A 161 -15.40 -1.94 8.32
N LEU A 162 -16.51 -1.80 9.07
CA LEU A 162 -17.72 -1.27 8.47
C LEU A 162 -17.68 0.24 8.41
N ARG A 163 -17.23 0.81 9.50
CA ARG A 163 -17.15 2.25 9.68
C ARG A 163 -16.00 2.49 10.65
N THR A 164 -14.83 2.86 10.14
CA THR A 164 -13.69 3.10 11.00
C THR A 164 -13.24 4.54 10.77
N ARG A 165 -12.62 5.14 11.77
CA ARG A 165 -12.25 6.54 11.63
C ARG A 165 -11.00 6.70 10.78
N GLU A 166 -10.09 5.74 10.80
CA GLU A 166 -9.09 5.62 9.75
C GLU A 166 -9.42 4.37 8.95
N PHE A 167 -9.27 4.43 7.63
CA PHE A 167 -9.49 3.24 6.82
C PHE A 167 -8.56 3.26 5.62
N LEU A 168 -8.40 2.10 5.01
CA LEU A 168 -7.63 2.00 3.78
C LEU A 168 -8.60 1.96 2.62
N TRP A 169 -8.23 2.59 1.52
CA TRP A 169 -9.11 2.50 0.35
C TRP A 169 -8.26 2.67 -0.90
N GLN A 170 -8.93 2.53 -2.03
CA GLN A 170 -8.50 3.02 -3.33
C GLN A 170 -9.49 4.10 -3.73
N GLU A 171 -8.97 5.24 -4.19
CA GLU A 171 -9.78 6.27 -4.82
C GLU A 171 -9.25 6.48 -6.23
N GLY A 172 -10.14 6.39 -7.20
CA GLY A 172 -9.80 6.66 -8.60
C GLY A 172 -10.39 8.00 -8.98
N HIS A 173 -9.59 8.80 -9.69
CA HIS A 173 -9.99 10.11 -10.18
C HIS A 173 -9.55 10.25 -11.62
N SER A 174 -10.51 10.35 -12.53
CA SER A 174 -10.25 10.41 -13.96
C SER A 174 -10.84 11.69 -14.56
N ALA A 175 -10.17 12.23 -15.59
CA ALA A 175 -10.62 13.42 -16.32
C ALA A 175 -10.57 13.14 -17.81
N PHE A 176 -11.63 13.53 -18.53
CA PHE A 176 -11.83 13.17 -19.92
C PHE A 176 -12.18 14.40 -20.77
N ALA A 177 -11.88 14.31 -22.06
CA ALA A 177 -12.27 15.36 -23.01
C ALA A 177 -13.76 15.35 -23.31
N THR A 178 -14.39 14.16 -23.30
CA THR A 178 -15.79 14.03 -23.70
C THR A 178 -16.60 13.33 -22.61
N MET A 179 -17.90 13.64 -22.60
CA MET A 179 -18.80 13.05 -21.63
C MET A 179 -18.90 11.54 -21.83
N GLU A 180 -18.96 11.08 -23.09
CA GLU A 180 -19.21 9.66 -23.35
C GLU A 180 -18.09 8.77 -22.81
N GLU A 181 -16.84 9.23 -22.90
CA GLU A 181 -15.73 8.51 -22.26
C GLU A 181 -15.95 8.41 -20.75
N ALA A 182 -16.24 9.53 -20.11
CA ALA A 182 -16.48 9.55 -18.67
C ALA A 182 -17.58 8.58 -18.28
N ALA A 183 -18.72 8.65 -18.97
CA ALA A 183 -19.90 7.85 -18.62
C ALA A 183 -19.62 6.36 -18.76
N GLU A 184 -18.83 5.97 -19.77
CA GLU A 184 -18.51 4.57 -19.95
C GLU A 184 -17.68 4.04 -18.77
N GLU A 185 -16.75 4.86 -18.26
CA GLU A 185 -15.90 4.40 -17.16
C GLU A 185 -16.68 4.23 -15.86
N VAL A 186 -17.59 5.18 -15.56
CA VAL A 186 -18.37 5.07 -14.33
C VAL A 186 -18.93 3.65 -14.19
N LEU A 187 -19.55 3.14 -15.24
CA LEU A 187 -20.17 1.83 -15.17
C LEU A 187 -19.18 0.69 -15.25
N GLN A 188 -18.03 0.90 -15.90
CA GLN A 188 -17.02 -0.15 -15.89
C GLN A 188 -16.51 -0.35 -14.46
N ILE A 189 -16.23 0.75 -13.76
CA ILE A 189 -15.75 0.65 -12.39
C ILE A 189 -16.81 0.04 -11.50
N LEU A 190 -18.07 0.46 -11.67
CA LEU A 190 -19.14 -0.14 -10.88
C LEU A 190 -19.18 -1.65 -11.08
N ASP A 191 -19.02 -2.09 -12.33
CA ASP A 191 -19.02 -3.52 -12.59
C ASP A 191 -17.85 -4.21 -11.90
N LEU A 192 -16.67 -3.59 -11.91
CA LEU A 192 -15.53 -4.17 -11.20
C LEU A 192 -15.78 -4.26 -9.70
N TYR A 193 -16.39 -3.23 -9.11
CA TYR A 193 -16.76 -3.33 -7.71
C TYR A 193 -17.71 -4.50 -7.49
N ALA A 194 -18.64 -4.69 -8.43
CA ALA A 194 -19.57 -5.82 -8.29
C ALA A 194 -18.85 -7.16 -8.41
N GLN A 195 -17.78 -7.23 -9.23
CA GLN A 195 -17.03 -8.46 -9.33
C GLN A 195 -16.22 -8.71 -8.06
N VAL A 196 -15.70 -7.65 -7.43
CA VAL A 196 -15.01 -7.82 -6.15
C VAL A 196 -15.95 -8.47 -5.14
N TYR A 197 -17.18 -7.96 -5.04
CA TYR A 197 -18.10 -8.49 -4.03
C TYR A 197 -18.58 -9.90 -4.39
N GLU A 198 -19.00 -10.09 -5.64
CA GLU A 198 -19.69 -11.30 -6.06
C GLU A 198 -18.72 -12.41 -6.43
N GLU A 199 -17.70 -12.12 -7.23
CA GLU A 199 -16.80 -13.18 -7.65
C GLU A 199 -15.65 -13.42 -6.67
N LEU A 200 -15.20 -12.40 -5.92
CA LEU A 200 -14.16 -12.62 -4.91
C LEU A 200 -14.77 -13.00 -3.57
N LEU A 201 -15.63 -12.14 -3.03
CA LEU A 201 -16.16 -12.31 -1.68
C LEU A 201 -17.45 -13.12 -1.63
N ALA A 202 -17.96 -13.57 -2.78
CA ALA A 202 -19.21 -14.33 -2.86
C ALA A 202 -20.39 -13.60 -2.20
N ILE A 203 -20.43 -12.28 -2.32
CA ILE A 203 -21.53 -11.49 -1.78
C ILE A 203 -22.32 -10.92 -2.95
N PRO A 204 -23.63 -11.14 -3.04
CA PRO A 204 -24.42 -10.54 -4.12
C PRO A 204 -24.72 -9.08 -3.80
N VAL A 205 -24.76 -8.26 -4.85
CA VAL A 205 -24.99 -6.83 -4.66
C VAL A 205 -26.00 -6.33 -5.69
N VAL A 206 -26.61 -5.20 -5.34
CA VAL A 206 -27.59 -4.53 -6.18
C VAL A 206 -26.94 -3.27 -6.74
N LYS A 207 -26.76 -3.23 -8.06
CA LYS A 207 -26.30 -1.99 -8.70
C LYS A 207 -27.44 -1.00 -8.81
N GLY A 208 -27.14 0.27 -8.58
CA GLY A 208 -28.15 1.30 -8.73
C GLY A 208 -27.56 2.70 -8.70
N ARG A 209 -28.46 3.68 -8.81
CA ARG A 209 -28.14 5.11 -8.76
C ARG A 209 -28.70 5.67 -7.47
N LYS A 210 -27.96 6.57 -6.82
CA LYS A 210 -28.43 7.15 -5.56
C LYS A 210 -29.49 8.23 -5.82
N THR A 211 -30.45 8.34 -4.90
CA THR A 211 -31.41 9.42 -4.99
C THR A 211 -30.72 10.77 -4.84
N GLU A 212 -31.45 11.82 -5.21
CA GLU A 212 -30.93 13.18 -5.10
C GLU A 212 -30.37 13.44 -3.69
N LYS A 213 -31.09 12.97 -2.67
CA LYS A 213 -30.66 13.23 -1.29
C LYS A 213 -29.33 12.56 -0.99
N GLU A 214 -29.15 11.33 -1.47
CA GLU A 214 -28.06 10.48 -1.04
C GLU A 214 -26.83 10.58 -1.93
N LYS A 215 -26.93 11.30 -3.05
CA LYS A 215 -25.81 11.37 -3.97
C LYS A 215 -24.73 12.32 -3.47
N PHE A 216 -23.53 12.15 -4.02
CA PHE A 216 -22.45 13.10 -3.77
C PHE A 216 -22.87 14.46 -4.33
N ALA A 217 -23.01 15.45 -3.45
CA ALA A 217 -23.64 16.71 -3.86
C ALA A 217 -22.83 17.41 -4.95
N GLY A 218 -21.52 17.18 -5.00
CA GLY A 218 -20.67 17.82 -5.99
C GLY A 218 -20.60 17.18 -7.36
N GLY A 219 -21.26 16.04 -7.59
CA GLY A 219 -21.19 15.39 -8.87
C GLY A 219 -22.50 15.49 -9.65
N ASP A 220 -22.47 14.91 -10.84
CA ASP A 220 -23.70 14.85 -11.64
C ASP A 220 -24.58 13.70 -11.18
N TYR A 221 -24.04 12.48 -11.10
CA TYR A 221 -24.79 11.38 -10.51
C TYR A 221 -23.85 10.39 -9.82
N THR A 222 -24.41 9.67 -8.84
CA THR A 222 -23.69 8.69 -8.05
C THR A 222 -24.28 7.30 -8.29
N THR A 223 -23.46 6.38 -8.80
CA THR A 223 -23.86 4.98 -8.83
C THR A 223 -23.22 4.26 -7.64
N THR A 224 -23.79 3.10 -7.31
CA THR A 224 -23.46 2.42 -6.07
C THR A 224 -23.84 0.96 -6.20
N ILE A 225 -23.16 0.13 -5.42
CA ILE A 225 -23.54 -1.26 -5.19
C ILE A 225 -23.94 -1.37 -3.72
N GLU A 226 -25.11 -1.97 -3.46
CA GLU A 226 -25.62 -2.12 -2.11
C GLU A 226 -25.64 -3.59 -1.73
N ALA A 227 -25.18 -3.89 -0.53
CA ALA A 227 -25.13 -5.24 0.00
C ALA A 227 -26.07 -5.37 1.18
N PHE A 228 -26.52 -6.59 1.44
CA PHE A 228 -27.49 -6.86 2.48
C PHE A 228 -26.86 -7.76 3.54
N ILE A 229 -27.00 -7.37 4.81
CA ILE A 229 -26.55 -8.18 5.93
C ILE A 229 -27.80 -8.66 6.66
N SER A 230 -28.21 -9.91 6.37
CA SER A 230 -29.44 -10.50 6.93
C SER A 230 -29.54 -10.40 8.46
N ALA A 231 -28.48 -10.80 9.17
CA ALA A 231 -28.58 -10.94 10.62
C ALA A 231 -29.04 -9.64 11.29
N SER A 232 -28.81 -8.49 10.65
CA SER A 232 -29.30 -7.23 11.15
C SER A 232 -30.46 -6.68 10.33
N GLY A 233 -30.78 -7.32 9.20
CA GLY A 233 -31.79 -6.80 8.29
C GLY A 233 -31.43 -5.45 7.71
N ARG A 234 -30.14 -5.13 7.62
CA ARG A 234 -29.62 -3.83 7.27
C ARG A 234 -28.78 -3.94 6.00
N ALA A 235 -28.93 -2.95 5.11
CA ALA A 235 -28.14 -2.86 3.89
C ALA A 235 -26.86 -2.06 4.17
N ILE A 236 -25.94 -2.04 3.21
CA ILE A 236 -24.71 -1.27 3.35
C ILE A 236 -24.17 -0.92 1.96
N GLN A 237 -23.64 0.30 1.84
CA GLN A 237 -23.06 0.79 0.58
C GLN A 237 -21.68 0.15 0.41
N GLY A 238 -21.52 -0.68 -0.62
CA GLY A 238 -20.30 -1.43 -0.78
C GLY A 238 -19.22 -0.77 -1.60
N GLY A 239 -19.57 0.27 -2.35
CA GLY A 239 -18.64 0.93 -3.26
C GLY A 239 -19.40 1.99 -4.03
N THR A 240 -18.64 2.98 -4.54
CA THR A 240 -19.25 4.19 -5.06
C THR A 240 -18.53 4.68 -6.32
N SER A 241 -19.32 5.09 -7.33
CA SER A 241 -18.73 5.47 -8.61
C SER A 241 -19.52 6.66 -9.17
N HIS A 242 -18.91 7.85 -9.13
CA HIS A 242 -19.55 9.10 -9.50
C HIS A 242 -19.16 9.54 -10.89
N HIS A 243 -20.13 10.08 -11.62
CA HIS A 243 -19.84 11.00 -12.71
C HIS A 243 -19.95 12.42 -12.18
N LEU A 244 -18.83 13.13 -12.17
CA LEU A 244 -18.88 14.50 -11.67
C LEU A 244 -19.25 15.49 -12.78
N GLY A 245 -19.37 15.01 -14.01
CA GLY A 245 -19.56 15.94 -15.11
C GLY A 245 -18.44 16.95 -15.12
N GLN A 246 -18.81 18.23 -15.21
CA GLN A 246 -17.87 19.33 -15.31
C GLN A 246 -17.87 20.19 -14.07
N ASN A 247 -18.59 19.76 -13.02
CA ASN A 247 -18.72 20.58 -11.82
C ASN A 247 -17.36 20.87 -11.19
N PHE A 248 -16.45 19.89 -11.16
CA PHE A 248 -15.17 20.14 -10.51
C PHE A 248 -14.16 20.76 -11.46
N SER A 249 -14.26 20.45 -12.76
CA SER A 249 -13.35 21.06 -13.71
C SER A 249 -13.60 22.57 -13.84
N LYS A 250 -14.86 22.99 -13.70
CA LYS A 250 -15.12 24.42 -13.67
C LYS A 250 -14.62 25.07 -12.38
N MET A 251 -14.76 24.38 -11.24
CA MET A 251 -14.28 24.98 -9.99
C MET A 251 -12.76 25.09 -9.97
N PHE A 252 -12.06 24.11 -10.53
CA PHE A 252 -10.61 24.07 -10.46
C PHE A 252 -9.94 24.48 -11.76
N GLU A 253 -10.72 24.87 -12.77
CA GLU A 253 -10.18 25.31 -14.06
C GLU A 253 -9.29 24.24 -14.70
N ILE A 254 -9.85 23.04 -14.87
CA ILE A 254 -9.21 22.00 -15.66
C ILE A 254 -9.81 22.18 -17.06
N VAL A 255 -9.13 23.00 -17.88
CA VAL A 255 -9.65 23.48 -19.16
C VAL A 255 -8.61 23.29 -20.26
N PHE A 256 -9.07 23.10 -21.49
CA PHE A 256 -8.20 23.21 -22.64
C PHE A 256 -8.96 23.89 -23.78
N GLU A 257 -8.20 24.50 -24.70
CA GLU A 257 -8.73 25.13 -25.92
C GLU A 257 -8.60 24.12 -27.06
N ASP A 258 -9.71 23.70 -27.64
CA ASP A 258 -9.57 22.98 -28.90
C ASP A 258 -9.34 24.00 -30.01
N PRO A 259 -8.22 23.94 -30.73
CA PRO A 259 -7.97 24.91 -31.81
C PRO A 259 -9.00 24.86 -32.91
N LYS A 260 -9.68 23.72 -33.05
CA LYS A 260 -10.74 23.53 -34.01
C LYS A 260 -12.05 24.15 -33.54
N ILE A 261 -12.12 24.53 -32.27
CA ILE A 261 -13.30 25.19 -31.71
C ILE A 261 -12.82 26.50 -31.09
N PRO A 262 -12.29 27.42 -31.90
CA PRO A 262 -11.76 28.68 -31.36
C PRO A 262 -12.80 29.42 -30.54
N GLY A 263 -12.35 29.95 -29.40
CA GLY A 263 -13.20 30.79 -28.58
C GLY A 263 -14.09 30.06 -27.60
N GLU A 264 -13.88 28.77 -27.39
CA GLU A 264 -14.65 28.01 -26.41
C GLU A 264 -13.72 27.31 -25.44
N LYS A 265 -14.07 27.34 -24.15
CA LYS A 265 -13.27 26.66 -23.14
C LYS A 265 -13.80 25.24 -23.00
N GLN A 266 -12.90 24.25 -22.98
CA GLN A 266 -13.29 22.85 -22.88
C GLN A 266 -13.00 22.38 -21.45
N PHE A 267 -14.04 22.25 -20.63
CA PHE A 267 -13.92 21.78 -19.26
C PHE A 267 -13.95 20.25 -19.24
N ALA A 268 -13.02 19.65 -18.50
CA ALA A 268 -12.93 18.18 -18.49
C ALA A 268 -14.18 17.58 -17.87
N TYR A 269 -14.57 16.41 -18.37
CA TYR A 269 -15.59 15.59 -17.73
C TYR A 269 -14.87 14.61 -16.78
N GLN A 270 -15.33 14.55 -15.54
CA GLN A 270 -14.62 13.80 -14.53
C GLN A 270 -15.47 12.74 -13.87
N ASN A 271 -14.79 11.68 -13.41
CA ASN A 271 -15.34 10.69 -12.51
C ASN A 271 -14.44 10.57 -11.29
N SER A 272 -15.01 10.05 -10.21
CA SER A 272 -14.25 9.59 -9.05
C SER A 272 -14.96 8.38 -8.48
N TRP A 273 -14.19 7.48 -7.85
CA TRP A 273 -14.74 6.22 -7.39
C TRP A 273 -13.84 5.64 -6.29
N GLY A 274 -14.44 4.95 -5.33
CA GLY A 274 -13.68 4.39 -4.21
C GLY A 274 -14.29 3.14 -3.62
N LEU A 275 -13.43 2.30 -3.03
CA LEU A 275 -13.75 1.03 -2.40
C LEU A 275 -12.80 0.89 -1.23
N THR A 276 -13.29 0.36 -0.09
CA THR A 276 -12.51 0.37 1.16
C THR A 276 -12.48 -1.00 1.83
N THR A 277 -11.80 -1.05 2.98
CA THR A 277 -11.76 -2.26 3.83
C THR A 277 -13.11 -2.62 4.44
N ARG A 278 -14.17 -1.86 4.20
CA ARG A 278 -15.52 -2.31 4.55
C ARG A 278 -15.85 -3.64 3.92
N THR A 279 -15.27 -3.91 2.74
CA THR A 279 -15.42 -5.18 2.05
C THR A 279 -15.26 -6.36 3.02
N ILE A 280 -14.19 -6.33 3.83
CA ILE A 280 -13.90 -7.47 4.71
C ILE A 280 -14.98 -7.60 5.77
N GLY A 281 -15.47 -6.49 6.31
CA GLY A 281 -16.56 -6.58 7.28
C GLY A 281 -17.84 -7.17 6.71
N VAL A 282 -18.20 -6.79 5.47
CA VAL A 282 -19.38 -7.38 4.85
C VAL A 282 -19.19 -8.88 4.63
N MET A 283 -18.01 -9.28 4.11
CA MET A 283 -17.70 -10.71 3.99
C MET A 283 -17.89 -11.43 5.33
N THR A 284 -17.38 -10.82 6.40
CA THR A 284 -17.50 -11.43 7.73
C THR A 284 -18.96 -11.56 8.14
N MET A 285 -19.72 -10.47 7.98
CA MET A 285 -21.12 -10.46 8.39
C MET A 285 -21.97 -11.39 7.54
N VAL A 286 -21.63 -11.56 6.27
CA VAL A 286 -22.50 -12.35 5.40
C VAL A 286 -22.24 -13.84 5.58
N HIS A 287 -20.99 -14.27 5.55
CA HIS A 287 -20.66 -15.69 5.55
C HIS A 287 -20.31 -16.26 6.92
N GLY A 288 -20.02 -15.41 7.90
CA GLY A 288 -19.63 -15.92 9.22
C GLY A 288 -20.75 -16.72 9.87
N ASP A 289 -20.35 -17.74 10.64
CA ASP A 289 -21.28 -18.60 11.38
C ASP A 289 -20.89 -18.69 12.86
N ASN A 290 -21.56 -19.57 13.61
CA ASN A 290 -21.33 -19.69 15.05
C ASN A 290 -20.10 -20.51 15.38
N MET A 291 -19.40 -21.03 14.38
CA MET A 291 -18.06 -21.58 14.57
C MET A 291 -16.96 -20.60 14.19
N GLY A 292 -17.33 -19.43 13.64
CA GLY A 292 -16.36 -18.37 13.37
C GLY A 292 -16.36 -17.83 11.95
N LEU A 293 -15.20 -17.36 11.52
CA LEU A 293 -15.04 -16.84 10.17
C LEU A 293 -15.29 -17.94 9.16
N VAL A 294 -15.75 -17.53 7.97
CA VAL A 294 -15.83 -18.41 6.82
C VAL A 294 -15.25 -17.64 5.64
N LEU A 295 -14.07 -18.05 5.19
CA LEU A 295 -13.41 -17.33 4.11
C LEU A 295 -13.85 -17.87 2.76
N PRO A 296 -14.23 -17.02 1.80
CA PRO A 296 -14.40 -17.52 0.43
C PRO A 296 -13.06 -17.97 -0.12
N PRO A 297 -13.01 -19.17 -0.72
CA PRO A 297 -11.74 -19.66 -1.28
C PRO A 297 -10.99 -18.64 -2.13
N ARG A 298 -11.70 -17.75 -2.83
CA ARG A 298 -11.06 -16.82 -3.75
C ARG A 298 -10.17 -15.80 -3.03
N VAL A 299 -10.52 -15.42 -1.79
CA VAL A 299 -9.68 -14.49 -1.03
C VAL A 299 -8.90 -15.14 0.11
N ALA A 300 -9.14 -16.42 0.42
CA ALA A 300 -8.45 -17.04 1.55
C ALA A 300 -6.95 -17.07 1.32
N CYS A 301 -6.19 -16.44 2.22
CA CYS A 301 -4.73 -16.56 2.09
C CYS A 301 -4.24 -17.96 2.39
N VAL A 302 -4.99 -18.73 3.16
CA VAL A 302 -4.78 -20.17 3.27
C VAL A 302 -6.06 -20.85 2.81
N GLN A 303 -5.97 -21.61 1.71
CA GLN A 303 -7.14 -22.32 1.21
C GLN A 303 -7.27 -23.69 1.84
N VAL A 304 -6.14 -24.36 2.08
CA VAL A 304 -6.09 -25.68 2.69
C VAL A 304 -5.06 -25.66 3.82
N VAL A 305 -5.47 -26.08 5.01
CA VAL A 305 -4.53 -26.29 6.11
C VAL A 305 -4.34 -27.79 6.27
N ILE A 306 -3.08 -28.23 6.26
CA ILE A 306 -2.73 -29.64 6.44
C ILE A 306 -2.40 -29.87 7.90
N ILE A 307 -3.06 -30.85 8.53
CA ILE A 307 -2.88 -31.13 9.94
C ILE A 307 -2.50 -32.59 10.15
N PRO A 308 -1.33 -32.89 10.76
CA PRO A 308 -1.02 -34.29 11.12
C PRO A 308 -1.84 -34.75 12.30
N CYS A 309 -2.50 -35.90 12.15
CA CYS A 309 -3.29 -36.51 13.19
C CYS A 309 -2.64 -37.80 13.70
N GLY A 310 -3.10 -38.23 14.87
CA GLY A 310 -2.69 -39.50 15.47
C GLY A 310 -1.21 -39.63 15.81
N ILE A 311 -0.60 -38.58 16.34
CA ILE A 311 0.81 -38.65 16.72
C ILE A 311 0.91 -38.92 18.23
N ALA A 314 4.24 -44.07 21.16
CA ALA A 314 3.68 -45.05 20.23
C ALA A 314 4.38 -45.00 18.87
N LEU A 315 4.43 -43.82 18.26
CA LEU A 315 5.12 -43.66 16.99
C LEU A 315 6.61 -43.44 17.25
N SER A 316 7.45 -44.22 16.58
CA SER A 316 8.88 -43.94 16.60
C SER A 316 9.15 -42.54 16.06
N GLU A 317 10.35 -42.04 16.36
CA GLU A 317 10.72 -40.72 15.86
C GLU A 317 10.79 -40.73 14.34
N GLU A 318 11.28 -41.83 13.77
CA GLU A 318 11.33 -41.94 12.31
C GLU A 318 9.93 -42.00 11.71
N ASP A 319 9.01 -42.74 12.35
CA ASP A 319 7.63 -42.79 11.88
C ASP A 319 7.00 -41.40 11.93
N LYS A 320 7.21 -40.67 13.02
CA LYS A 320 6.70 -39.32 13.11
C LYS A 320 7.27 -38.45 12.00
N GLU A 321 8.58 -38.57 11.74
CA GLU A 321 9.19 -37.81 10.65
C GLU A 321 8.57 -38.17 9.30
N ALA A 322 8.19 -39.44 9.13
CA ALA A 322 7.57 -39.87 7.88
C ALA A 322 6.19 -39.23 7.71
N LEU A 323 5.44 -39.10 8.82
CA LEU A 323 4.10 -38.51 8.75
C LEU A 323 4.18 -37.00 8.48
N ILE A 324 5.19 -36.32 9.02
CA ILE A 324 5.42 -34.92 8.64
C ILE A 324 5.86 -34.82 7.18
N ALA A 325 6.65 -35.78 6.72
CA ALA A 325 7.06 -35.79 5.31
C ALA A 325 5.86 -35.90 4.40
N LYS A 326 4.88 -36.74 4.76
CA LYS A 326 3.68 -36.85 3.95
C LYS A 326 2.93 -35.52 3.91
N CYS A 327 2.78 -34.87 5.07
CA CYS A 327 2.11 -33.58 5.11
C CYS A 327 2.81 -32.56 4.22
N ASN A 328 4.14 -32.57 4.22
CA ASN A 328 4.89 -31.65 3.39
C ASN A 328 4.82 -32.04 1.92
N ASP A 329 4.58 -33.32 1.60
CA ASP A 329 4.44 -33.70 0.21
C ASP A 329 3.09 -33.25 -0.33
N TYR A 330 2.05 -33.28 0.51
CA TYR A 330 0.77 -32.72 0.09
C TYR A 330 0.91 -31.22 -0.13
N ARG A 331 1.74 -30.57 0.68
CA ARG A 331 1.87 -29.13 0.59
C ARG A 331 2.59 -28.72 -0.68
N ARG A 332 3.57 -29.52 -1.13
CA ARG A 332 4.20 -29.22 -2.41
C ARG A 332 3.30 -29.58 -3.57
N ARG A 333 2.54 -30.67 -3.43
CA ARG A 333 1.60 -31.01 -4.50
C ARG A 333 0.57 -29.91 -4.67
N LEU A 334 0.10 -29.34 -3.56
CA LEU A 334 -0.96 -28.33 -3.63
C LEU A 334 -0.41 -27.00 -4.13
N LEU A 335 0.78 -26.59 -3.67
CA LEU A 335 1.42 -25.42 -4.23
C LEU A 335 1.60 -25.56 -5.74
N SER A 336 1.93 -26.77 -6.20
CA SER A 336 2.25 -26.97 -7.61
C SER A 336 1.06 -26.71 -8.52
N VAL A 337 -0.17 -26.83 -8.02
CA VAL A 337 -1.34 -26.50 -8.81
C VAL A 337 -1.97 -25.20 -8.33
N ASN A 338 -1.19 -24.35 -7.64
CA ASN A 338 -1.58 -22.97 -7.30
C ASN A 338 -2.59 -22.87 -6.16
N ILE A 339 -2.76 -23.89 -5.37
CA ILE A 339 -3.61 -23.79 -4.18
C ILE A 339 -2.75 -23.19 -3.07
N ARG A 340 -3.32 -22.26 -2.31
CA ARG A 340 -2.59 -21.66 -1.19
C ARG A 340 -2.77 -22.55 0.04
N VAL A 341 -1.64 -23.08 0.56
CA VAL A 341 -1.67 -24.14 1.56
C VAL A 341 -0.72 -23.82 2.69
N ARG A 342 -1.08 -24.25 3.90
CA ARG A 342 -0.21 -24.19 5.07
C ARG A 342 -0.23 -25.53 5.80
N ALA A 343 0.94 -26.05 6.12
CA ALA A 343 1.10 -27.24 6.93
C ALA A 343 1.32 -26.80 8.37
N ASP A 344 0.35 -27.10 9.25
CA ASP A 344 0.48 -26.76 10.67
C ASP A 344 1.22 -27.88 11.38
N LEU A 345 2.54 -27.86 11.25
CA LEU A 345 3.39 -28.91 11.80
C LEU A 345 3.83 -28.61 13.24
N ARG A 346 3.15 -27.69 13.93
CA ARG A 346 3.52 -27.37 15.29
C ARG A 346 3.31 -28.56 16.22
N ASP A 347 4.34 -28.90 17.00
CA ASP A 347 4.23 -30.02 17.94
C ASP A 347 3.59 -29.64 19.29
N ASN A 348 3.48 -28.36 19.60
CA ASN A 348 3.00 -27.89 20.90
C ASN A 348 1.47 -27.78 21.02
N TYR A 349 0.69 -28.09 19.97
CA TYR A 349 -0.76 -28.08 20.06
C TYR A 349 -1.32 -29.40 19.53
N SER A 350 -2.40 -29.88 20.16
CA SER A 350 -3.05 -31.12 19.74
C SER A 350 -3.83 -30.91 18.43
N PRO A 351 -4.05 -31.98 17.66
CA PRO A 351 -4.86 -31.84 16.44
C PRO A 351 -6.21 -31.19 16.67
N GLY A 352 -6.94 -31.64 17.69
CA GLY A 352 -8.24 -31.04 17.99
C GLY A 352 -8.14 -29.54 18.19
N TRP A 353 -7.09 -29.09 18.89
CA TRP A 353 -6.87 -27.65 19.01
C TRP A 353 -6.75 -27.00 17.64
N LYS A 354 -5.95 -27.61 16.76
CA LYS A 354 -5.73 -27.05 15.43
C LYS A 354 -7.02 -27.00 14.63
N PHE A 355 -7.82 -28.07 14.68
CA PHE A 355 -9.12 -28.11 14.00
C PHE A 355 -9.95 -26.89 14.36
N ASN A 356 -10.10 -26.64 15.66
CA ASN A 356 -10.88 -25.51 16.13
C ASN A 356 -10.23 -24.19 15.68
N HIS A 357 -8.91 -24.11 15.79
CA HIS A 357 -8.19 -22.87 15.51
C HIS A 357 -8.40 -22.43 14.07
N TRP A 358 -8.17 -23.33 13.12
CA TRP A 358 -8.32 -22.99 11.72
C TRP A 358 -9.78 -22.91 11.29
N GLU A 359 -10.70 -23.53 12.04
CA GLU A 359 -12.12 -23.32 11.78
C GLU A 359 -12.54 -21.90 12.14
N LEU A 360 -12.12 -21.44 13.32
CA LEU A 360 -12.34 -20.05 13.73
C LEU A 360 -11.79 -19.08 12.71
N LYS A 361 -10.67 -19.44 12.08
CA LYS A 361 -10.07 -18.58 11.06
C LYS A 361 -10.74 -18.70 9.70
N GLY A 362 -11.60 -19.69 9.50
CA GLY A 362 -12.37 -19.81 8.27
C GLY A 362 -11.68 -20.43 7.09
N VAL A 363 -10.62 -21.19 7.33
CA VAL A 363 -9.90 -21.88 6.23
C VAL A 363 -10.87 -22.77 5.49
N PRO A 364 -10.97 -22.66 4.16
CA PRO A 364 -11.98 -23.45 3.43
C PRO A 364 -11.87 -24.95 3.61
N ILE A 365 -10.68 -25.52 3.62
CA ILE A 365 -10.51 -26.96 3.68
C ILE A 365 -9.46 -27.31 4.72
N ARG A 366 -9.81 -28.22 5.62
CA ARG A 366 -8.89 -28.88 6.53
C ARG A 366 -8.54 -30.25 5.96
N LEU A 367 -7.26 -30.50 5.75
CA LEU A 367 -6.77 -31.77 5.23
C LEU A 367 -6.09 -32.54 6.37
N GLU A 368 -6.75 -33.60 6.86
CA GLU A 368 -6.22 -34.41 7.95
C GLU A 368 -5.43 -35.60 7.40
N VAL A 369 -4.23 -35.83 7.95
CA VAL A 369 -3.38 -36.96 7.56
C VAL A 369 -2.94 -37.69 8.83
N GLY A 370 -3.32 -38.97 8.94
CA GLY A 370 -2.86 -39.82 10.01
C GLY A 370 -2.09 -41.01 9.50
N PRO A 371 -1.46 -41.76 10.42
CA PRO A 371 -0.62 -42.89 9.97
C PRO A 371 -1.41 -43.97 9.23
N ARG A 372 -2.59 -44.34 9.74
CA ARG A 372 -3.44 -45.28 9.00
C ARG A 372 -3.80 -44.74 7.62
N ASP A 373 -4.05 -43.43 7.52
CA ASP A 373 -4.32 -42.81 6.23
C ASP A 373 -3.14 -42.99 5.28
N MET A 374 -1.93 -42.74 5.77
CA MET A 374 -0.74 -42.93 4.93
C MET A 374 -0.67 -44.36 4.41
N LYS A 375 -0.79 -45.33 5.32
CA LYS A 375 -0.72 -46.73 4.89
C LYS A 375 -1.87 -47.09 3.97
N SER A 376 -3.00 -46.37 4.06
CA SER A 376 -4.16 -46.59 3.21
C SER A 376 -4.11 -45.82 1.90
N CYS A 377 -3.16 -44.88 1.76
CA CYS A 377 -3.09 -44.01 0.59
C CYS A 377 -4.38 -43.20 0.42
N GLN A 378 -4.82 -42.58 1.52
CA GLN A 378 -5.98 -41.71 1.53
C GLN A 378 -5.72 -40.55 2.49
N PHE A 379 -6.58 -39.55 2.41
CA PHE A 379 -6.60 -38.48 3.41
C PHE A 379 -8.04 -38.04 3.61
N VAL A 380 -8.25 -37.21 4.63
CA VAL A 380 -9.58 -36.66 4.94
C VAL A 380 -9.57 -35.17 4.63
N ALA A 381 -10.61 -34.71 3.93
CA ALA A 381 -10.85 -33.29 3.66
C ALA A 381 -12.17 -32.88 4.31
N VAL A 382 -12.16 -31.78 5.05
CA VAL A 382 -13.33 -31.28 5.76
C VAL A 382 -13.62 -29.86 5.28
N ARG A 383 -14.80 -29.65 4.70
CA ARG A 383 -15.20 -28.36 4.17
C ARG A 383 -15.69 -27.47 5.29
N ARG A 384 -15.15 -26.25 5.37
CA ARG A 384 -15.56 -25.31 6.41
C ARG A 384 -17.02 -24.88 6.25
N ASP A 385 -17.53 -24.84 5.00
CA ASP A 385 -18.86 -24.26 4.79
C ASP A 385 -19.97 -25.20 5.24
N THR A 386 -19.84 -26.51 4.94
CA THR A 386 -20.87 -27.48 5.31
C THR A 386 -20.47 -28.35 6.49
N GLY A 387 -19.16 -28.52 6.72
CA GLY A 387 -18.66 -29.43 7.74
C GLY A 387 -18.48 -30.85 7.25
N GLU A 388 -18.83 -31.11 5.99
CA GLU A 388 -18.73 -32.43 5.38
C GLU A 388 -17.30 -32.98 5.39
N LYS A 389 -17.17 -34.22 5.84
CA LYS A 389 -15.91 -34.96 5.82
C LYS A 389 -15.91 -35.88 4.60
N LEU A 390 -14.83 -35.86 3.84
CA LEU A 390 -14.66 -36.73 2.67
C LEU A 390 -13.35 -37.48 2.80
N THR A 391 -13.35 -38.78 2.52
CA THR A 391 -12.13 -39.56 2.39
C THR A 391 -11.75 -39.62 0.92
N VAL A 392 -10.58 -39.09 0.59
CA VAL A 392 -10.11 -38.96 -0.79
C VAL A 392 -8.87 -39.80 -0.97
N ALA A 393 -8.75 -40.42 -2.15
CA ALA A 393 -7.55 -41.15 -2.51
C ALA A 393 -6.37 -40.20 -2.68
N GLU A 394 -5.20 -40.67 -2.27
CA GLU A 394 -4.02 -39.80 -2.24
C GLU A 394 -3.68 -39.30 -3.64
N ASN A 395 -3.79 -40.17 -4.65
CA ASN A 395 -3.53 -39.76 -6.02
C ASN A 395 -4.44 -38.62 -6.49
N GLU A 396 -5.64 -38.51 -5.95
CA GLU A 396 -6.65 -37.58 -6.43
C GLU A 396 -6.53 -36.19 -5.79
N ALA A 397 -5.40 -35.86 -5.16
CA ALA A 397 -5.35 -34.70 -4.27
C ALA A 397 -5.50 -33.38 -5.04
N GLU A 398 -4.70 -33.18 -6.08
CA GLU A 398 -4.74 -31.90 -6.79
C GLU A 398 -6.13 -31.61 -7.36
N THR A 399 -6.74 -32.59 -8.04
CA THR A 399 -8.02 -32.37 -8.71
C THR A 399 -9.18 -32.27 -7.73
N LYS A 400 -9.18 -33.12 -6.69
CA LYS A 400 -10.34 -33.18 -5.80
C LYS A 400 -10.41 -31.95 -4.92
N LEU A 401 -9.26 -31.48 -4.43
CA LEU A 401 -9.24 -30.33 -3.54
C LEU A 401 -9.58 -29.06 -4.33
N GLN A 402 -9.08 -28.98 -5.55
CA GLN A 402 -9.41 -27.82 -6.39
C GLN A 402 -10.89 -27.81 -6.75
N ALA A 403 -11.48 -29.00 -6.96
CA ALA A 403 -12.92 -29.06 -7.22
C ALA A 403 -13.74 -28.66 -6.00
N ILE A 404 -13.31 -29.06 -4.81
CA ILE A 404 -14.05 -28.70 -3.60
C ILE A 404 -13.93 -27.21 -3.33
N LEU A 405 -12.75 -26.63 -3.58
CA LEU A 405 -12.57 -25.19 -3.40
C LEU A 405 -13.54 -24.42 -4.29
N GLU A 406 -13.74 -24.87 -5.52
CA GLU A 406 -14.68 -24.20 -6.41
C GLU A 406 -16.12 -24.38 -5.93
N ASP A 407 -16.44 -25.54 -5.35
CA ASP A 407 -17.83 -25.74 -4.92
C ASP A 407 -18.12 -24.96 -3.66
N ILE A 408 -17.13 -24.76 -2.79
CA ILE A 408 -17.32 -23.92 -1.62
C ILE A 408 -17.66 -22.49 -2.04
N GLN A 409 -16.89 -21.95 -2.96
CA GLN A 409 -17.10 -20.60 -3.46
C GLN A 409 -18.52 -20.46 -4.02
N VAL A 410 -18.91 -21.38 -4.90
CA VAL A 410 -20.25 -21.36 -5.48
C VAL A 410 -21.32 -21.53 -4.39
N THR A 411 -21.06 -22.41 -3.42
CA THR A 411 -22.00 -22.60 -2.32
C THR A 411 -22.22 -21.31 -1.54
N LEU A 412 -21.13 -20.61 -1.23
CA LEU A 412 -21.24 -19.39 -0.43
C LEU A 412 -22.02 -18.31 -1.17
N PHE A 413 -21.72 -18.11 -2.46
CA PHE A 413 -22.45 -17.12 -3.25
C PHE A 413 -23.91 -17.51 -3.44
N THR A 414 -24.17 -18.80 -3.66
CA THR A 414 -25.55 -19.26 -3.82
C THR A 414 -26.37 -19.03 -2.56
N ARG A 415 -25.80 -19.33 -1.39
CA ARG A 415 -26.54 -19.12 -0.14
C ARG A 415 -26.85 -17.64 0.07
N ALA A 416 -25.87 -16.77 -0.12
CA ALA A 416 -26.12 -15.36 0.13
C ALA A 416 -27.02 -14.77 -0.95
N SER A 417 -26.94 -15.27 -2.19
CA SER A 417 -27.88 -14.86 -3.22
C SER A 417 -29.31 -15.16 -2.80
N GLU A 418 -29.59 -16.43 -2.50
CA GLU A 418 -30.95 -16.82 -2.12
C GLU A 418 -31.40 -16.08 -0.87
N ASP A 419 -30.46 -15.72 0.00
CA ASP A 419 -30.82 -14.91 1.16
C ASP A 419 -31.23 -13.49 0.74
N LEU A 420 -30.50 -12.88 -0.22
CA LEU A 420 -30.87 -11.56 -0.68
C LEU A 420 -32.22 -11.58 -1.38
N LYS A 421 -32.44 -12.61 -2.23
CA LYS A 421 -33.71 -12.74 -2.96
C LYS A 421 -34.87 -12.85 -1.99
N THR A 422 -34.70 -13.61 -0.91
CA THR A 422 -35.75 -13.78 0.10
C THR A 422 -36.06 -12.46 0.80
N HIS A 423 -35.06 -11.61 1.02
CA HIS A 423 -35.24 -10.43 1.84
C HIS A 423 -35.34 -9.13 1.05
N MET A 424 -35.49 -9.20 -0.27
CA MET A 424 -35.69 -8.00 -1.08
C MET A 424 -36.96 -8.19 -1.89
N VAL A 425 -38.00 -7.45 -1.54
CA VAL A 425 -39.30 -7.61 -2.15
C VAL A 425 -39.84 -6.23 -2.57
N VAL A 426 -41.06 -6.24 -3.11
CA VAL A 426 -41.69 -5.06 -3.67
C VAL A 426 -42.90 -4.74 -2.82
N ALA A 427 -43.07 -3.46 -2.54
CA ALA A 427 -44.27 -2.92 -1.91
C ALA A 427 -44.67 -1.67 -2.68
N ASN A 428 -45.97 -1.41 -2.75
CA ASN A 428 -46.50 -0.26 -3.48
C ASN A 428 -47.33 0.66 -2.60
N THR A 429 -47.38 0.38 -1.29
CA THR A 429 -48.07 1.24 -0.33
C THR A 429 -47.20 1.38 0.91
N MET A 430 -47.29 2.55 1.54
CA MET A 430 -46.52 2.81 2.76
C MET A 430 -46.77 1.76 3.83
N GLU A 431 -48.03 1.36 4.02
CA GLU A 431 -48.36 0.39 5.05
C GLU A 431 -47.73 -0.97 4.76
N ASP A 432 -47.70 -1.38 3.49
CA ASP A 432 -47.02 -2.64 3.18
C ASP A 432 -45.52 -2.46 3.34
N PHE A 433 -45.00 -1.34 2.86
CA PHE A 433 -43.60 -1.02 3.01
C PHE A 433 -43.16 -1.08 4.47
N GLN A 434 -43.95 -0.47 5.36
CA GLN A 434 -43.58 -0.47 6.77
C GLN A 434 -43.59 -1.87 7.37
N LYS A 435 -44.62 -2.66 7.05
CA LYS A 435 -44.72 -4.00 7.63
C LYS A 435 -43.58 -4.89 7.15
N ILE A 436 -43.29 -4.85 5.84
CA ILE A 436 -42.21 -5.64 5.29
C ILE A 436 -40.87 -5.21 5.87
N LEU A 437 -40.70 -3.90 6.05
CA LEU A 437 -39.45 -3.39 6.60
C LEU A 437 -39.24 -3.90 8.01
N ASP A 438 -40.29 -3.89 8.82
CA ASP A 438 -40.16 -4.29 10.21
C ASP A 438 -39.88 -5.78 10.37
N SER A 439 -39.98 -6.55 9.30
CA SER A 439 -39.64 -7.96 9.32
C SER A 439 -38.16 -8.21 8.98
N GLY A 440 -37.36 -7.16 8.90
CA GLY A 440 -35.94 -7.29 8.60
C GLY A 440 -35.60 -7.37 7.14
N LYS A 441 -36.33 -6.67 6.28
CA LYS A 441 -36.12 -6.78 4.85
C LYS A 441 -35.86 -5.39 4.26
N ILE A 442 -35.38 -5.39 3.01
CA ILE A 442 -35.27 -4.16 2.25
C ILE A 442 -36.29 -4.20 1.11
N VAL A 443 -36.77 -3.03 0.69
CA VAL A 443 -37.98 -2.98 -0.11
C VAL A 443 -37.79 -2.03 -1.29
N GLN A 444 -38.25 -2.46 -2.45
CA GLN A 444 -38.33 -1.58 -3.60
C GLN A 444 -39.75 -1.01 -3.68
N ILE A 445 -39.85 0.32 -3.63
CA ILE A 445 -41.13 1.03 -3.59
C ILE A 445 -41.17 2.09 -4.67
N PRO A 446 -42.35 2.43 -5.19
CA PRO A 446 -42.44 3.58 -6.11
C PRO A 446 -42.18 4.87 -5.33
N PHE A 447 -41.30 5.71 -5.87
CA PHE A 447 -40.80 6.87 -5.14
C PHE A 447 -40.73 8.07 -6.06
N CYS A 448 -41.25 9.23 -5.59
CA CYS A 448 -41.18 10.47 -6.38
C CYS A 448 -39.75 10.92 -6.61
N GLY A 449 -38.86 10.66 -5.65
CA GLY A 449 -37.50 11.14 -5.74
C GLY A 449 -37.20 12.42 -4.99
N GLU A 450 -38.19 13.05 -4.37
CA GLU A 450 -37.99 14.35 -3.76
C GLU A 450 -37.29 14.17 -2.41
N ILE A 451 -36.41 15.13 -2.08
CA ILE A 451 -35.66 15.07 -0.85
C ILE A 451 -36.59 15.19 0.36
N ASP A 452 -37.56 16.11 0.29
CA ASP A 452 -38.54 16.27 1.37
C ASP A 452 -39.26 14.97 1.65
N CYS A 453 -39.68 14.26 0.60
CA CYS A 453 -40.36 12.98 0.79
C CYS A 453 -39.42 11.95 1.41
N GLU A 454 -38.17 11.92 0.96
CA GLU A 454 -37.26 10.91 1.50
C GLU A 454 -36.97 11.17 2.98
N ASP A 455 -36.94 12.45 3.38
CA ASP A 455 -36.92 12.79 4.80
C ASP A 455 -38.17 12.27 5.50
N TRP A 456 -39.33 12.49 4.88
CA TRP A 456 -40.58 12.05 5.49
C TRP A 456 -40.57 10.55 5.74
N ILE A 457 -40.15 9.77 4.74
CA ILE A 457 -40.09 8.32 4.88
C ILE A 457 -39.17 7.93 6.04
N LYS A 458 -38.04 8.63 6.18
CA LYS A 458 -37.07 8.27 7.22
C LYS A 458 -37.64 8.41 8.62
N LYS A 459 -38.44 9.44 8.85
CA LYS A 459 -38.94 9.67 10.20
C LYS A 459 -40.26 8.96 10.45
N THR A 460 -41.02 8.66 9.40
CA THR A 460 -42.22 7.86 9.55
C THR A 460 -41.89 6.39 9.77
N THR A 461 -40.90 5.86 9.03
CA THR A 461 -40.53 4.46 9.23
C THR A 461 -39.90 4.24 10.59
N ALA A 462 -39.37 5.31 11.21
CA ALA A 462 -38.91 5.24 12.58
C ALA A 462 -40.08 5.33 13.55
N ARG A 463 -40.93 6.34 13.37
CA ARG A 463 -42.12 6.54 14.20
C ARG A 463 -43.02 5.29 14.23
N ASP A 464 -43.36 4.74 13.07
CA ASP A 464 -44.37 3.69 12.93
C ASP A 464 -43.79 2.28 13.01
N GLN A 465 -42.66 2.10 13.68
CA GLN A 465 -41.97 0.81 13.65
C GLN A 465 -42.31 0.00 14.88
N ASP A 466 -42.18 -1.33 14.74
CA ASP A 466 -42.33 -2.24 15.88
C ASP A 466 -41.20 -3.27 15.97
N MET A 474 -35.05 2.85 14.43
CA MET A 474 -34.24 3.23 13.28
C MET A 474 -35.04 3.46 11.98
N GLY A 475 -35.09 4.70 11.50
CA GLY A 475 -35.74 4.98 10.22
C GLY A 475 -35.01 4.38 9.03
N ALA A 476 -35.76 4.15 7.96
CA ALA A 476 -35.22 3.62 6.71
C ALA A 476 -34.82 4.74 5.77
N LYS A 477 -33.65 4.59 5.15
CA LYS A 477 -33.15 5.51 4.15
C LYS A 477 -33.18 4.85 2.77
N SER A 478 -33.13 5.66 1.72
CA SER A 478 -33.02 5.12 0.37
C SER A 478 -31.65 4.48 0.20
N LEU A 479 -31.60 3.36 -0.53
CA LEU A 479 -30.33 2.68 -0.76
C LEU A 479 -29.80 2.92 -2.17
N CYS A 480 -30.60 2.64 -3.19
CA CYS A 480 -30.30 3.00 -4.57
C CYS A 480 -31.57 2.90 -5.40
N ILE A 481 -31.55 3.57 -6.55
CA ILE A 481 -32.53 3.34 -7.61
C ILE A 481 -31.98 2.24 -8.50
N PRO A 482 -32.53 1.01 -8.46
CA PRO A 482 -31.88 -0.09 -9.16
C PRO A 482 -31.89 0.12 -10.67
N PHE A 483 -30.78 -0.27 -11.30
CA PHE A 483 -30.76 -0.37 -12.76
C PHE A 483 -31.79 -1.39 -13.24
N LYS A 484 -31.91 -2.52 -12.54
CA LYS A 484 -32.81 -3.60 -12.93
C LYS A 484 -33.73 -3.88 -11.74
N PRO A 485 -34.78 -3.09 -11.57
CA PRO A 485 -35.71 -3.34 -10.46
C PRO A 485 -36.50 -4.64 -10.68
N LEU A 486 -37.13 -5.10 -9.60
CA LEU A 486 -37.87 -6.36 -9.65
C LEU A 486 -39.05 -6.26 -10.61
N CYS A 487 -39.82 -5.17 -10.54
CA CYS A 487 -40.99 -4.94 -11.37
C CYS A 487 -40.87 -3.63 -12.14
N GLU A 488 -41.51 -3.60 -13.30
CA GLU A 488 -41.69 -2.35 -14.04
C GLU A 488 -42.72 -1.47 -13.33
N LEU A 489 -42.46 -0.16 -13.33
CA LEU A 489 -43.39 0.78 -12.73
C LEU A 489 -44.59 0.96 -13.65
N GLN A 490 -45.79 0.81 -13.09
CA GLN A 490 -47.00 0.91 -13.90
C GLN A 490 -47.18 2.33 -14.42
N PRO A 491 -47.63 2.48 -15.67
CA PRO A 491 -48.03 3.81 -16.17
C PRO A 491 -48.89 4.56 -15.17
N GLY A 492 -48.48 5.78 -14.85
CA GLY A 492 -49.22 6.57 -13.90
C GLY A 492 -49.20 6.05 -12.48
N ALA A 493 -48.23 5.22 -12.11
CA ALA A 493 -48.07 4.86 -10.71
C ALA A 493 -47.64 6.10 -9.92
N LYS A 494 -48.18 6.24 -8.72
CA LYS A 494 -47.83 7.35 -7.85
C LYS A 494 -46.94 6.88 -6.70
N CYS A 495 -46.17 7.82 -6.17
CA CYS A 495 -45.23 7.55 -5.09
C CYS A 495 -46.00 7.14 -3.84
N VAL A 496 -45.25 6.70 -2.82
CA VAL A 496 -45.89 6.26 -1.59
C VAL A 496 -46.29 7.40 -0.69
N CYS A 497 -46.05 8.66 -1.08
CA CYS A 497 -46.69 9.78 -0.36
C CYS A 497 -48.19 9.64 -0.31
N LYS A 499 -48.38 13.64 -2.27
CA LYS A 499 -48.91 12.97 -3.45
C LYS A 499 -48.27 13.50 -4.74
N ASN A 500 -47.17 12.88 -5.15
CA ASN A 500 -46.52 13.12 -6.43
C ASN A 500 -46.47 11.80 -7.17
N PRO A 501 -46.39 11.82 -8.51
CA PRO A 501 -46.23 10.56 -9.23
C PRO A 501 -44.87 9.96 -8.96
N ALA A 502 -44.80 8.63 -9.06
CA ALA A 502 -43.53 7.95 -8.88
C ALA A 502 -42.68 8.10 -10.13
N LYS A 503 -41.40 8.39 -9.95
CA LYS A 503 -40.48 8.41 -11.08
C LYS A 503 -39.82 7.06 -11.32
N TYR A 504 -39.59 6.27 -10.26
CA TYR A 504 -38.80 5.06 -10.36
C TYR A 504 -38.98 4.21 -9.11
N TYR A 505 -38.90 2.90 -9.29
CA TYR A 505 -38.77 2.00 -8.15
C TYR A 505 -37.45 2.27 -7.43
N THR A 506 -37.52 2.46 -6.12
CA THR A 506 -36.35 2.77 -5.31
C THR A 506 -36.19 1.72 -4.20
N LEU A 507 -34.96 1.22 -4.05
CA LEU A 507 -34.63 0.28 -2.99
C LEU A 507 -34.45 1.04 -1.69
N PHE A 508 -35.30 0.73 -0.70
CA PHE A 508 -35.24 1.35 0.62
C PHE A 508 -34.95 0.30 1.68
N GLY A 509 -34.42 0.75 2.81
CA GLY A 509 -34.11 -0.16 3.90
C GLY A 509 -33.40 0.56 5.03
N ARG A 510 -33.29 -0.15 6.15
CA ARG A 510 -32.41 0.28 7.23
C ARG A 510 -30.97 -0.04 6.85
N SER A 511 -30.04 0.86 7.18
CA SER A 511 -28.71 0.76 6.60
C SER A 511 -27.61 0.97 7.65
N TYR A 512 -26.44 0.40 7.37
CA TYR A 512 -25.24 0.72 8.15
C TYR A 512 -24.72 2.05 7.63
N GLY B 15 13.25 20.11 -22.50
CA GLY B 15 14.70 20.17 -22.39
C GLY B 15 15.19 20.65 -21.04
N LEU B 16 16.15 19.92 -20.48
CA LEU B 16 16.78 20.30 -19.21
C LEU B 16 17.85 21.35 -19.48
N GLU B 17 17.75 22.49 -18.81
CA GLU B 17 18.70 23.57 -19.01
C GLU B 17 19.66 23.81 -17.86
N ALA B 18 19.41 23.22 -16.69
CA ALA B 18 20.37 23.26 -15.60
C ALA B 18 21.43 22.18 -15.79
N LYS B 19 22.54 22.31 -15.09
CA LYS B 19 23.64 21.36 -15.19
C LYS B 19 24.01 20.84 -13.81
N LYS B 20 24.14 19.51 -13.70
CA LYS B 20 24.34 18.86 -12.41
C LYS B 20 25.62 19.33 -11.75
N GLU B 21 26.59 19.72 -12.55
CA GLU B 21 27.82 20.32 -12.08
C GLU B 21 27.67 21.79 -11.68
N GLU B 22 26.64 22.49 -12.19
CA GLU B 22 26.55 23.93 -11.92
C GLU B 22 25.90 24.33 -10.59
N ASN B 23 24.61 24.00 -10.47
CA ASN B 23 23.78 24.26 -9.30
C ASN B 23 23.02 22.97 -9.04
N LEU B 24 23.42 22.15 -8.06
CA LEU B 24 22.75 20.86 -7.92
C LEU B 24 21.26 21.06 -7.65
N ALA B 25 20.91 22.02 -6.77
CA ALA B 25 19.52 22.19 -6.36
C ALA B 25 18.59 22.47 -7.54
N ASP B 26 19.01 23.30 -8.49
CA ASP B 26 18.13 23.56 -9.63
C ASP B 26 18.19 22.48 -10.69
N TRP B 27 19.28 21.71 -10.77
CA TRP B 27 19.27 20.56 -11.67
C TRP B 27 18.29 19.50 -11.19
N TYR B 28 18.29 19.21 -9.90
CA TYR B 28 17.43 18.18 -9.33
C TYR B 28 15.96 18.54 -9.50
N SER B 29 15.61 19.80 -9.22
CA SER B 29 14.22 20.24 -9.36
C SER B 29 13.72 20.09 -10.78
N GLN B 30 14.54 20.43 -11.76
CA GLN B 30 14.07 20.31 -13.12
C GLN B 30 14.07 18.85 -13.59
N VAL B 31 14.95 18.01 -13.03
CA VAL B 31 14.97 16.61 -13.41
C VAL B 31 13.72 15.89 -12.92
N ILE B 32 13.34 16.11 -11.66
CA ILE B 32 12.22 15.35 -11.15
C ILE B 32 10.90 15.83 -11.74
N THR B 33 10.82 17.11 -12.11
CA THR B 33 9.56 17.63 -12.64
C THR B 33 9.43 17.32 -14.13
N LYS B 34 10.48 17.54 -14.91
CA LYS B 34 10.34 17.31 -16.34
C LYS B 34 10.34 15.83 -16.67
N SER B 35 10.84 14.98 -15.77
CA SER B 35 10.64 13.55 -15.95
C SER B 35 9.23 13.11 -15.55
N GLU B 36 8.43 14.02 -15.01
CA GLU B 36 7.07 13.72 -14.54
C GLU B 36 7.09 12.74 -13.37
N MET B 37 8.12 12.86 -12.52
CA MET B 37 8.17 12.10 -11.28
C MET B 37 7.43 12.84 -10.16
N ILE B 38 7.70 14.13 -10.02
CA ILE B 38 7.26 14.93 -8.88
C ILE B 38 6.40 16.08 -9.36
N GLU B 39 5.35 16.38 -8.61
CA GLU B 39 4.65 17.66 -8.69
C GLU B 39 4.67 18.28 -7.31
N TYR B 40 4.77 19.59 -7.25
CA TYR B 40 4.85 20.29 -5.98
C TYR B 40 3.47 20.47 -5.38
N HIS B 41 3.43 20.51 -4.07
CA HIS B 41 2.22 20.68 -3.29
C HIS B 41 2.34 21.98 -2.53
N ASP B 42 1.23 22.48 -2.00
CA ASP B 42 1.28 23.78 -1.34
C ASP B 42 1.63 23.68 0.13
N ILE B 43 1.90 22.47 0.61
CA ILE B 43 2.39 22.23 1.96
C ILE B 43 3.87 21.88 1.87
N SER B 44 4.69 22.68 2.55
CA SER B 44 6.14 22.55 2.49
C SER B 44 6.60 21.14 2.83
N GLY B 45 7.50 20.61 2.02
CA GLY B 45 8.04 19.28 2.27
C GLY B 45 7.15 18.13 1.90
N CYS B 46 6.04 18.38 1.22
CA CYS B 46 5.15 17.34 0.72
C CYS B 46 5.16 17.36 -0.79
N TYR B 47 5.34 16.20 -1.41
CA TYR B 47 5.46 16.16 -2.86
C TYR B 47 4.61 15.05 -3.44
N ILE B 48 3.97 15.37 -4.56
CA ILE B 48 3.12 14.39 -5.25
C ILE B 48 4.02 13.38 -5.96
N LEU B 49 3.72 12.10 -5.80
CA LEU B 49 4.40 11.05 -6.56
C LEU B 49 3.53 10.72 -7.77
N ARG B 50 3.95 11.19 -8.94
CA ARG B 50 3.26 10.89 -10.18
C ARG B 50 3.55 9.43 -10.55
N PRO B 51 2.80 8.86 -11.51
CA PRO B 51 3.04 7.45 -11.86
C PRO B 51 4.49 7.11 -12.17
N TRP B 52 5.26 8.02 -12.80
CA TRP B 52 6.62 7.68 -13.17
C TRP B 52 7.47 7.39 -11.94
N ALA B 53 7.31 8.19 -10.88
CA ALA B 53 8.03 7.94 -9.65
C ALA B 53 7.43 6.76 -8.88
N TYR B 54 6.10 6.72 -8.79
CA TYR B 54 5.47 5.67 -8.01
C TYR B 54 5.81 4.29 -8.56
N ALA B 55 5.94 4.17 -9.88
CA ALA B 55 6.27 2.86 -10.45
C ALA B 55 7.64 2.36 -10.01
N ILE B 56 8.57 3.27 -9.71
CA ILE B 56 9.87 2.82 -9.19
C ILE B 56 9.71 2.25 -7.80
N TRP B 57 9.03 2.99 -6.91
CA TRP B 57 8.69 2.46 -5.59
C TRP B 57 8.02 1.10 -5.69
N GLU B 58 7.08 0.94 -6.63
CA GLU B 58 6.39 -0.34 -6.77
C GLU B 58 7.35 -1.46 -7.16
N ALA B 59 8.37 -1.16 -7.97
CA ALA B 59 9.33 -2.21 -8.29
C ALA B 59 10.14 -2.59 -7.06
N ILE B 60 10.57 -1.58 -6.29
CA ILE B 60 11.29 -1.83 -5.04
C ILE B 60 10.41 -2.65 -4.10
N LYS B 61 9.14 -2.23 -3.96
CA LYS B 61 8.21 -2.92 -3.09
C LYS B 61 8.03 -4.37 -3.51
N ASP B 62 7.98 -4.62 -4.82
CA ASP B 62 7.80 -6.00 -5.27
C ASP B 62 8.97 -6.86 -4.85
N PHE B 63 10.19 -6.33 -4.95
CA PHE B 63 11.37 -7.11 -4.64
C PHE B 63 11.44 -7.37 -3.14
N PHE B 64 11.43 -6.30 -2.34
CA PHE B 64 11.62 -6.43 -0.89
C PHE B 64 10.51 -7.28 -0.26
N ASP B 65 9.25 -7.06 -0.66
CA ASP B 65 8.15 -7.82 -0.09
C ASP B 65 8.34 -9.32 -0.30
N ALA B 66 8.69 -9.72 -1.53
CA ALA B 66 8.92 -11.12 -1.81
C ALA B 66 10.06 -11.67 -0.95
N GLU B 67 11.12 -10.88 -0.76
CA GLU B 67 12.28 -11.36 0.00
C GLU B 67 11.97 -11.49 1.48
N ILE B 68 11.31 -10.50 2.08
CA ILE B 68 10.98 -10.64 3.50
C ILE B 68 9.96 -11.74 3.70
N LYS B 69 9.12 -12.03 2.71
CA LYS B 69 8.19 -13.14 2.86
C LYS B 69 8.92 -14.47 3.00
N LYS B 70 10.06 -14.62 2.31
CA LYS B 70 10.85 -15.84 2.45
C LYS B 70 11.37 -16.01 3.87
N LEU B 71 11.57 -14.91 4.59
CA LEU B 71 12.03 -14.94 5.97
C LEU B 71 10.90 -15.12 7.00
N GLY B 72 9.66 -15.35 6.57
CA GLY B 72 8.58 -15.51 7.54
C GLY B 72 7.86 -14.24 7.97
N VAL B 73 8.26 -13.07 7.47
CA VAL B 73 7.62 -11.81 7.85
C VAL B 73 6.27 -11.69 7.16
N GLU B 74 5.28 -11.17 7.89
CA GLU B 74 3.92 -11.02 7.39
C GLU B 74 3.52 -9.55 7.33
N ASN B 75 2.62 -9.23 6.40
CA ASN B 75 2.21 -7.85 6.20
C ASN B 75 0.96 -7.57 7.02
N CYS B 76 0.86 -6.33 7.48
CA CYS B 76 -0.25 -5.92 8.32
C CYS B 76 -0.45 -4.44 8.08
N TYR B 77 -1.38 -3.84 8.81
CA TYR B 77 -1.49 -2.40 8.81
C TYR B 77 -1.96 -1.95 10.18
N PHE B 78 -1.12 -1.18 10.86
CA PHE B 78 -1.44 -0.65 12.18
C PHE B 78 -1.90 0.80 12.08
N PRO B 79 -2.61 1.31 13.09
CA PRO B 79 -3.20 2.65 12.98
C PRO B 79 -2.13 3.72 12.80
N MET B 80 -2.53 4.79 12.12
CA MET B 80 -1.67 5.96 11.98
C MET B 80 -1.67 6.83 13.23
N PHE B 81 -2.74 6.81 14.01
CA PHE B 81 -2.84 7.67 15.18
C PHE B 81 -2.24 6.97 16.40
N VAL B 82 -1.42 7.69 17.14
CA VAL B 82 -0.77 7.18 18.34
C VAL B 82 -1.17 8.08 19.50
N SER B 83 -1.66 7.45 20.57
CA SER B 83 -2.12 8.20 21.74
C SER B 83 -0.96 8.86 22.47
N GLN B 84 -1.31 9.89 23.22
CA GLN B 84 -0.35 10.65 24.01
C GLN B 84 0.31 9.76 25.07
N SER B 85 -0.45 8.85 25.69
CA SER B 85 0.13 7.97 26.71
C SER B 85 1.10 6.99 26.09
N ALA B 86 0.73 6.38 24.97
CA ALA B 86 1.62 5.39 24.35
C ALA B 86 2.90 6.04 23.83
N LEU B 87 2.78 7.24 23.26
CA LEU B 87 3.93 7.92 22.69
C LEU B 87 4.88 8.36 23.79
N GLU B 88 4.32 8.75 24.92
CA GLU B 88 5.05 9.24 26.08
C GLU B 88 5.49 8.09 26.98
N LYS B 89 4.93 6.91 26.76
CA LYS B 89 5.09 5.77 27.65
C LYS B 89 6.52 5.63 28.15
N GLU B 90 7.43 5.47 27.21
CA GLU B 90 8.83 5.69 27.44
C GLU B 90 9.47 6.13 26.13
N LYS B 91 10.78 6.32 26.19
CA LYS B 91 11.52 7.01 25.14
C LYS B 91 11.65 6.05 23.97
N THR B 92 10.59 6.05 23.13
CA THR B 92 10.70 5.46 21.80
C THR B 92 11.76 6.21 21.04
N HIS B 93 11.65 7.52 21.11
CA HIS B 93 12.55 8.58 20.71
C HIS B 93 13.48 8.90 21.89
N VAL B 94 14.18 10.00 21.77
CA VAL B 94 15.01 10.61 22.81
C VAL B 94 14.30 11.95 22.88
N ALA B 95 14.75 12.87 23.72
CA ALA B 95 13.87 13.95 24.12
C ALA B 95 13.79 15.00 23.01
N ASP B 96 14.78 15.03 22.12
CA ASP B 96 14.88 15.98 21.02
C ASP B 96 14.02 15.63 19.81
N PHE B 97 13.48 14.41 19.71
CA PHE B 97 12.65 14.04 18.55
C PHE B 97 11.26 14.67 18.61
N ALA B 98 10.77 14.98 19.82
CA ALA B 98 9.44 15.54 20.03
C ALA B 98 9.01 16.66 19.07
N PRO B 99 9.87 17.59 18.64
CA PRO B 99 9.36 18.66 17.75
C PRO B 99 8.91 18.17 16.37
N GLU B 100 9.26 16.97 15.96
CA GLU B 100 8.92 16.53 14.61
C GLU B 100 7.58 15.80 14.55
N VAL B 101 6.90 15.68 15.68
CA VAL B 101 5.63 14.97 15.77
C VAL B 101 4.49 15.94 15.50
N ALA B 102 3.64 15.59 14.52
CA ALA B 102 2.46 16.35 14.19
C ALA B 102 1.26 15.87 15.02
N TRP B 103 0.50 16.81 15.56
CA TRP B 103 -0.59 16.53 16.50
C TRP B 103 -1.92 16.99 15.95
N VAL B 104 -2.90 16.08 15.98
CA VAL B 104 -4.31 16.40 15.73
C VAL B 104 -4.94 16.81 17.06
N THR B 105 -5.61 17.96 17.08
CA THR B 105 -6.25 18.43 18.30
C THR B 105 -7.74 18.69 18.15
N ARG B 106 -8.29 18.53 16.96
CA ARG B 106 -9.70 18.85 16.75
C ARG B 106 -10.21 18.16 15.50
N SER B 107 -11.50 17.78 15.56
CA SER B 107 -12.25 17.34 14.41
C SER B 107 -13.18 18.47 14.08
N GLY B 108 -13.15 18.95 12.84
CA GLY B 108 -13.89 20.15 12.53
C GLY B 108 -13.51 21.25 13.49
N LYS B 109 -14.49 21.78 14.21
CA LYS B 109 -14.23 22.82 15.20
C LYS B 109 -14.20 22.27 16.61
N THR B 110 -14.38 20.97 16.78
CA THR B 110 -14.49 20.36 18.09
C THR B 110 -13.15 19.81 18.57
N GLU B 111 -12.66 20.39 19.65
CA GLU B 111 -11.41 19.96 20.27
C GLU B 111 -11.50 18.51 20.75
N LEU B 112 -10.47 17.72 20.42
CA LEU B 112 -10.36 16.36 20.94
C LEU B 112 -10.06 16.42 22.45
N ALA B 113 -10.62 15.46 23.20
CA ALA B 113 -10.41 15.47 24.65
C ALA B 113 -8.93 15.35 24.99
N GLU B 114 -8.22 14.48 24.28
CA GLU B 114 -6.77 14.46 24.29
C GLU B 114 -6.28 14.52 22.85
N PRO B 115 -5.23 15.29 22.56
CA PRO B 115 -4.70 15.30 21.19
C PRO B 115 -4.09 13.95 20.85
N ILE B 116 -4.08 13.63 19.56
CA ILE B 116 -3.48 12.41 19.06
C ILE B 116 -2.44 12.75 18.02
N ALA B 117 -1.39 11.92 17.97
CA ALA B 117 -0.23 12.14 17.12
C ALA B 117 -0.31 11.30 15.85
N ILE B 118 0.32 11.81 14.81
CA ILE B 118 0.53 11.08 13.56
C ILE B 118 1.84 10.32 13.69
N ARG B 119 1.81 8.99 13.50
CA ARG B 119 3.00 8.15 13.60
C ARG B 119 4.18 8.81 12.92
N PRO B 120 5.31 8.99 13.60
CA PRO B 120 6.58 9.17 12.89
C PRO B 120 7.33 7.87 12.71
N THR B 121 6.83 6.82 13.36
CA THR B 121 7.33 5.45 13.37
C THR B 121 6.31 4.68 14.22
N SER B 122 6.28 3.36 14.13
CA SER B 122 5.14 2.68 14.75
C SER B 122 5.48 1.81 15.97
N GLU B 123 6.68 1.92 16.54
CA GLU B 123 7.03 1.13 17.72
C GLU B 123 5.96 1.27 18.80
N THR B 124 5.61 2.51 19.15
CA THR B 124 4.65 2.75 20.23
C THR B 124 3.22 2.40 19.85
N VAL B 125 2.95 2.16 18.57
CA VAL B 125 1.62 1.70 18.20
C VAL B 125 1.55 0.18 18.24
N MET B 126 2.62 -0.46 17.77
CA MET B 126 2.65 -1.92 17.62
C MET B 126 2.97 -2.63 18.94
N TYR B 127 3.92 -2.10 19.70
CA TYR B 127 4.43 -2.90 20.83
C TYR B 127 3.43 -3.14 21.96
N PRO B 128 2.49 -2.24 22.23
CA PRO B 128 1.44 -2.61 23.19
C PRO B 128 0.66 -3.83 22.74
N ALA B 129 0.48 -4.01 21.43
CA ALA B 129 -0.23 -5.19 20.95
C ALA B 129 0.65 -6.43 21.05
N TYR B 130 1.94 -6.29 20.75
CA TYR B 130 2.89 -7.37 20.94
C TYR B 130 2.86 -7.87 22.37
N ALA B 131 2.81 -6.97 23.35
CA ALA B 131 2.77 -7.39 24.74
C ALA B 131 1.52 -8.23 25.01
N LYS B 132 0.40 -7.87 24.38
CA LYS B 132 -0.83 -8.65 24.56
C LYS B 132 -0.74 -10.00 23.84
N TRP B 133 -0.01 -10.09 22.73
CA TRP B 133 0.04 -11.34 22.00
C TRP B 133 1.04 -12.35 22.57
N VAL B 134 2.02 -11.90 23.34
CA VAL B 134 3.07 -12.77 23.86
C VAL B 134 2.75 -13.14 25.31
N GLN B 135 2.20 -14.33 25.55
CA GLN B 135 2.24 -14.92 26.89
C GLN B 135 3.04 -16.20 27.04
N SER B 136 3.65 -16.72 25.99
CA SER B 136 4.59 -17.82 26.19
C SER B 136 5.58 -17.81 25.05
N HIS B 137 6.66 -18.57 25.24
CA HIS B 137 7.68 -18.65 24.20
C HIS B 137 7.09 -19.22 22.92
N ARG B 138 5.96 -19.94 23.03
CA ARG B 138 5.23 -20.41 21.86
C ARG B 138 4.80 -19.28 20.94
N ASP B 139 4.50 -18.10 21.50
CA ASP B 139 3.97 -16.94 20.79
C ASP B 139 5.06 -16.17 20.06
N LEU B 140 6.31 -16.57 20.18
CA LEU B 140 7.42 -15.94 19.50
C LEU B 140 8.03 -16.90 18.48
N PRO B 141 8.63 -16.39 17.39
CA PRO B 141 8.75 -14.99 16.97
C PRO B 141 7.52 -14.36 16.35
N ILE B 142 7.42 -13.05 16.56
CA ILE B 142 6.50 -12.19 15.83
C ILE B 142 7.32 -11.41 14.83
N LYS B 143 6.91 -11.45 13.57
CA LYS B 143 7.62 -10.76 12.50
C LYS B 143 6.58 -10.10 11.60
N LEU B 144 6.36 -8.79 11.80
CA LEU B 144 5.36 -8.03 11.06
C LEU B 144 6.02 -6.90 10.30
N ASN B 145 5.48 -6.61 9.11
CA ASN B 145 5.94 -5.51 8.27
C ASN B 145 4.73 -4.76 7.74
N GLN B 146 4.86 -3.45 7.60
CA GLN B 146 3.78 -2.69 6.97
C GLN B 146 4.36 -1.67 6.00
N TRP B 147 3.62 -1.49 4.91
CA TRP B 147 3.87 -0.43 3.95
C TRP B 147 2.90 0.69 4.31
N CYS B 148 3.42 1.87 4.57
CA CYS B 148 2.55 2.94 5.07
C CYS B 148 3.28 4.26 4.92
N ASN B 149 2.59 5.34 5.28
CA ASN B 149 3.13 6.68 5.21
C ASN B 149 3.37 7.18 6.63
N VAL B 150 4.43 7.98 6.84
CA VAL B 150 4.71 8.53 8.16
C VAL B 150 5.05 9.99 7.99
N VAL B 151 4.88 10.75 9.07
CA VAL B 151 5.07 12.19 9.05
C VAL B 151 6.13 12.55 10.07
N ARG B 152 7.14 13.33 9.63
CA ARG B 152 8.13 13.96 10.50
C ARG B 152 8.27 15.42 10.08
N TRP B 153 7.99 16.33 11.01
CA TRP B 153 8.07 17.76 10.71
C TRP B 153 9.54 18.13 10.69
N GLU B 154 10.20 17.78 9.58
CA GLU B 154 11.65 17.84 9.48
C GLU B 154 12.21 19.24 9.71
N PHE B 155 13.33 19.27 10.45
CA PHE B 155 14.03 20.52 10.75
C PHE B 155 14.80 21.06 9.54
N LYS B 156 15.56 20.20 8.86
CA LYS B 156 16.42 20.62 7.77
C LYS B 156 15.59 21.02 6.54
N HIS B 157 16.28 21.58 5.55
CA HIS B 157 15.65 22.04 4.31
C HIS B 157 15.01 20.87 3.57
N PRO B 158 13.72 20.94 3.24
CA PRO B 158 13.07 19.84 2.51
C PRO B 158 13.53 19.77 1.06
N GLN B 159 13.68 18.53 0.56
CA GLN B 159 14.03 18.22 -0.83
C GLN B 159 13.24 16.99 -1.26
N PRO B 160 12.68 16.97 -2.47
CA PRO B 160 11.96 15.77 -2.89
C PRO B 160 12.85 14.53 -2.77
N PHE B 161 12.32 13.57 -2.05
CA PHE B 161 12.55 12.16 -1.76
C PHE B 161 13.77 12.00 -0.87
N LEU B 162 14.57 13.05 -0.68
CA LEU B 162 15.72 12.97 0.23
C LEU B 162 15.29 13.18 1.66
N ARG B 163 14.49 14.22 1.85
CA ARG B 163 14.06 14.64 3.17
C ARG B 163 12.70 15.31 2.96
N THR B 164 11.65 14.55 3.23
CA THR B 164 10.30 15.01 2.98
C THR B 164 9.54 15.04 4.31
N ARG B 165 8.46 15.83 4.34
CA ARG B 165 7.66 15.93 5.56
C ARG B 165 6.77 14.70 5.75
N GLU B 166 6.17 14.22 4.67
CA GLU B 166 5.52 12.93 4.64
C GLU B 166 6.34 12.08 3.69
N PHE B 167 6.49 10.79 4.00
CA PHE B 167 7.09 9.88 3.04
C PHE B 167 6.47 8.51 3.19
N LEU B 168 6.68 7.70 2.18
CA LEU B 168 6.27 6.32 2.20
C LEU B 168 7.45 5.44 2.59
N TRP B 169 7.17 4.37 3.32
CA TRP B 169 8.24 3.44 3.69
C TRP B 169 7.62 2.07 3.93
N GLN B 170 8.49 1.11 4.23
CA GLN B 170 8.09 -0.10 4.94
C GLN B 170 8.81 -0.05 6.27
N GLU B 171 8.11 -0.40 7.33
CA GLU B 171 8.78 -0.64 8.60
C GLU B 171 8.50 -2.09 8.99
N GLY B 172 9.56 -2.81 9.35
CA GLY B 172 9.47 -4.17 9.86
C GLY B 172 9.79 -4.18 11.35
N HIS B 173 8.97 -4.88 12.12
CA HIS B 173 9.15 -5.02 13.56
C HIS B 173 9.04 -6.49 13.92
N SER B 174 10.14 -7.06 14.41
CA SER B 174 10.17 -8.48 14.74
C SER B 174 10.57 -8.69 16.21
N ALA B 175 10.02 -9.75 16.83
CA ALA B 175 10.26 -10.05 18.24
C ALA B 175 10.66 -11.51 18.40
N PHE B 176 11.68 -11.77 19.22
CA PHE B 176 12.28 -13.09 19.32
C PHE B 176 12.50 -13.52 20.77
N ALA B 177 12.57 -14.85 20.95
CA ALA B 177 12.86 -15.44 22.26
C ALA B 177 14.33 -15.31 22.65
N THR B 178 15.24 -15.26 21.69
CA THR B 178 16.67 -15.23 21.95
C THR B 178 17.35 -14.09 21.19
N MET B 179 18.49 -13.66 21.74
CA MET B 179 19.30 -12.64 21.07
C MET B 179 19.81 -13.15 19.72
N GLU B 180 20.23 -14.42 19.67
CA GLU B 180 20.92 -14.88 18.47
C GLU B 180 19.98 -14.88 17.26
N GLU B 181 18.71 -15.28 17.44
CA GLU B 181 17.73 -15.17 16.36
C GLU B 181 17.64 -13.73 15.86
N ALA B 182 17.38 -12.80 16.77
CA ALA B 182 17.29 -11.38 16.43
C ALA B 182 18.51 -10.92 15.66
N ALA B 183 19.70 -11.16 16.22
CA ALA B 183 20.91 -10.64 15.62
C ALA B 183 21.09 -11.13 14.19
N GLU B 184 20.68 -12.36 13.90
CA GLU B 184 20.77 -12.84 12.53
C GLU B 184 19.85 -12.04 11.60
N GLU B 185 18.64 -11.70 12.05
CA GLU B 185 17.71 -11.03 11.16
C GLU B 185 18.21 -9.65 10.78
N VAL B 186 18.75 -8.92 11.76
CA VAL B 186 19.27 -7.58 11.54
C VAL B 186 20.17 -7.56 10.31
N LEU B 187 21.10 -8.50 10.22
CA LEU B 187 22.05 -8.51 9.11
C LEU B 187 21.43 -9.05 7.83
N GLN B 188 20.42 -9.92 7.96
CA GLN B 188 19.67 -10.39 6.79
C GLN B 188 18.94 -9.24 6.11
N ILE B 189 18.25 -8.42 6.91
CA ILE B 189 17.49 -7.30 6.36
C ILE B 189 18.43 -6.30 5.75
N LEU B 190 19.52 -5.98 6.46
CA LEU B 190 20.50 -5.05 5.94
C LEU B 190 21.04 -5.52 4.59
N ASP B 191 21.30 -6.82 4.45
CA ASP B 191 21.78 -7.29 3.15
C ASP B 191 20.73 -7.05 2.08
N LEU B 192 19.45 -7.27 2.43
CA LEU B 192 18.36 -7.00 1.49
C LEU B 192 18.28 -5.53 1.11
N TYR B 193 18.47 -4.63 2.09
CA TYR B 193 18.56 -3.21 1.77
C TYR B 193 19.71 -2.97 0.79
N ALA B 194 20.84 -3.64 1.02
CA ALA B 194 21.99 -3.52 0.13
C ALA B 194 21.68 -4.07 -1.26
N GLN B 195 20.84 -5.10 -1.36
CA GLN B 195 20.48 -5.61 -2.68
C GLN B 195 19.59 -4.62 -3.42
N VAL B 196 18.68 -3.96 -2.70
CA VAL B 196 17.82 -2.97 -3.34
C VAL B 196 18.67 -1.88 -4.00
N TYR B 197 19.66 -1.37 -3.27
CA TYR B 197 20.49 -0.30 -3.81
C TYR B 197 21.40 -0.83 -4.92
N GLU B 198 22.07 -1.96 -4.67
CA GLU B 198 23.12 -2.42 -5.58
C GLU B 198 22.56 -3.16 -6.78
N GLU B 199 21.64 -4.10 -6.55
CA GLU B 199 21.16 -4.91 -7.67
C GLU B 199 19.97 -4.28 -8.39
N LEU B 200 19.12 -3.53 -7.69
CA LEU B 200 17.98 -2.89 -8.33
C LEU B 200 18.36 -1.51 -8.85
N LEU B 201 18.85 -0.65 -7.96
CA LEU B 201 19.09 0.75 -8.28
C LEU B 201 20.52 1.00 -8.75
N ALA B 202 21.34 -0.05 -8.85
CA ALA B 202 22.70 0.06 -9.35
C ALA B 202 23.50 1.12 -8.59
N ILE B 203 23.22 1.25 -7.30
CA ILE B 203 23.91 2.19 -6.41
C ILE B 203 24.76 1.38 -5.44
N PRO B 204 26.07 1.62 -5.37
CA PRO B 204 26.91 0.93 -4.39
C PRO B 204 26.77 1.57 -3.02
N VAL B 205 26.82 0.73 -1.98
CA VAL B 205 26.64 1.19 -0.61
C VAL B 205 27.69 0.54 0.29
N VAL B 206 27.95 1.22 1.40
CA VAL B 206 28.82 0.75 2.47
C VAL B 206 27.94 0.30 3.64
N LYS B 207 28.03 -0.98 3.99
CA LYS B 207 27.38 -1.49 5.20
C LYS B 207 28.19 -1.11 6.42
N GLY B 208 27.51 -0.75 7.50
CA GLY B 208 28.22 -0.41 8.72
C GLY B 208 27.31 -0.25 9.90
N ARG B 209 27.93 0.09 11.03
CA ARG B 209 27.26 0.30 12.31
C ARG B 209 27.38 1.77 12.69
N LYS B 210 26.33 2.30 13.29
CA LYS B 210 26.36 3.69 13.72
C LYS B 210 27.18 3.81 15.00
N THR B 211 27.87 4.94 15.14
CA THR B 211 28.61 5.24 16.37
C THR B 211 27.63 5.45 17.53
N GLU B 212 28.17 5.55 18.74
CA GLU B 212 27.32 5.84 19.90
C GLU B 212 26.44 7.06 19.66
N LYS B 213 27.02 8.12 19.12
CA LYS B 213 26.28 9.37 18.97
C LYS B 213 25.17 9.25 17.94
N GLU B 214 25.43 8.57 16.82
CA GLU B 214 24.53 8.51 15.68
C GLU B 214 23.54 7.36 15.72
N LYS B 215 23.70 6.39 16.62
CA LYS B 215 22.80 5.25 16.64
C LYS B 215 21.47 5.63 17.27
N PHE B 216 20.44 4.85 16.95
CA PHE B 216 19.12 5.06 17.52
C PHE B 216 19.18 4.88 19.03
N ALA B 217 18.79 5.90 19.78
CA ALA B 217 18.90 5.81 21.24
C ALA B 217 18.04 4.71 21.81
N GLY B 218 16.96 4.35 21.12
CA GLY B 218 16.09 3.29 21.59
C GLY B 218 16.56 1.88 21.32
N GLY B 219 17.63 1.71 20.55
CA GLY B 219 18.15 0.39 20.24
C GLY B 219 19.47 0.14 20.95
N ASP B 220 19.99 -1.08 20.76
CA ASP B 220 21.31 -1.43 21.25
C ASP B 220 22.37 -1.10 20.20
N TYR B 221 22.16 -1.55 18.97
CA TYR B 221 23.00 -1.12 17.85
C TYR B 221 22.17 -0.90 16.59
N THR B 222 22.65 0.01 15.75
CA THR B 222 22.01 0.39 14.50
C THR B 222 22.97 0.06 13.38
N THR B 223 22.54 -0.78 12.45
CA THR B 223 23.28 -1.01 11.23
C THR B 223 22.67 -0.11 10.15
N THR B 224 23.42 0.09 9.07
CA THR B 224 23.04 1.07 8.07
C THR B 224 23.81 0.80 6.79
N ILE B 225 23.23 1.25 5.67
CA ILE B 225 23.94 1.33 4.40
C ILE B 225 24.06 2.80 4.02
N GLU B 226 25.26 3.24 3.69
CA GLU B 226 25.52 4.62 3.32
C GLU B 226 25.88 4.68 1.84
N ALA B 227 25.31 5.66 1.15
CA ALA B 227 25.58 5.89 -0.25
C ALA B 227 26.21 7.27 -0.39
N PHE B 228 26.97 7.46 -1.47
CA PHE B 228 27.64 8.74 -1.71
C PHE B 228 27.06 9.42 -2.95
N ILE B 229 26.81 10.72 -2.82
CA ILE B 229 26.32 11.56 -3.91
C ILE B 229 27.46 12.53 -4.28
N SER B 230 28.19 12.18 -5.34
CA SER B 230 29.34 12.98 -5.78
C SER B 230 28.97 14.44 -5.97
N ALA B 231 27.95 14.69 -6.80
CA ALA B 231 27.61 16.04 -7.23
C ALA B 231 27.43 17.01 -6.07
N SER B 232 27.14 16.51 -4.86
CA SER B 232 27.10 17.36 -3.68
C SER B 232 28.29 17.16 -2.75
N GLY B 233 29.13 16.16 -3.02
CA GLY B 233 30.16 15.80 -2.06
C GLY B 233 29.61 15.29 -0.74
N ARG B 234 28.37 14.79 -0.72
CA ARG B 234 27.72 14.37 0.52
C ARG B 234 27.32 12.90 0.48
N ALA B 235 27.45 12.24 1.63
CA ALA B 235 26.93 10.90 1.85
C ALA B 235 25.47 10.97 2.33
N ILE B 236 24.80 9.82 2.32
CA ILE B 236 23.39 9.76 2.70
C ILE B 236 23.06 8.36 3.18
N GLN B 237 22.28 8.29 4.26
CA GLN B 237 21.84 7.02 4.82
C GLN B 237 20.71 6.43 3.97
N GLY B 238 20.92 5.22 3.45
CA GLY B 238 19.99 4.60 2.52
C GLY B 238 18.91 3.69 3.07
N GLY B 239 19.09 3.23 4.30
CA GLY B 239 18.24 2.23 4.91
C GLY B 239 18.81 1.84 6.27
N THR B 240 17.98 1.37 7.19
CA THR B 240 18.36 1.24 8.59
C THR B 240 17.80 -0.03 9.20
N SER B 241 18.62 -0.72 9.99
CA SER B 241 18.24 -2.00 10.57
C SER B 241 18.81 -2.07 11.98
N HIS B 242 17.94 -1.93 12.98
CA HIS B 242 18.29 -1.87 14.39
C HIS B 242 18.10 -3.20 15.09
N HIS B 243 19.02 -3.54 16.00
CA HIS B 243 18.72 -4.47 17.08
C HIS B 243 18.29 -3.63 18.26
N LEU B 244 17.01 -3.71 18.62
CA LEU B 244 16.55 -2.96 19.80
C LEU B 244 16.84 -3.69 21.10
N GLY B 245 17.36 -4.91 21.04
CA GLY B 245 17.56 -5.67 22.28
C GLY B 245 16.27 -5.74 23.06
N GLN B 246 16.35 -5.39 24.35
CA GLN B 246 15.22 -5.47 25.28
C GLN B 246 14.72 -4.11 25.75
N ASN B 247 15.22 -3.03 25.16
CA ASN B 247 14.78 -1.68 25.55
C ASN B 247 13.27 -1.50 25.43
N PHE B 248 12.67 -1.97 24.32
CA PHE B 248 11.23 -1.75 24.14
C PHE B 248 10.38 -2.79 24.84
N SER B 249 10.86 -4.03 24.88
CA SER B 249 10.12 -5.10 25.56
C SER B 249 10.07 -4.86 27.07
N LYS B 250 11.14 -4.27 27.65
CA LYS B 250 11.05 -3.82 29.03
C LYS B 250 10.10 -2.65 29.15
N MET B 251 10.14 -1.73 28.17
CA MET B 251 9.30 -0.54 28.20
C MET B 251 7.82 -0.90 28.04
N PHE B 252 7.49 -1.88 27.20
CA PHE B 252 6.09 -2.25 26.95
C PHE B 252 5.67 -3.57 27.59
N GLU B 253 6.56 -4.21 28.38
CA GLU B 253 6.23 -5.45 29.08
C GLU B 253 5.79 -6.56 28.12
N ILE B 254 6.60 -6.76 27.09
CA ILE B 254 6.49 -7.90 26.18
C ILE B 254 7.31 -9.01 26.82
N VAL B 255 6.63 -9.86 27.60
CA VAL B 255 7.29 -10.86 28.43
C VAL B 255 6.69 -12.22 28.13
N PHE B 256 7.52 -13.24 28.25
CA PHE B 256 7.05 -14.60 28.25
C PHE B 256 7.70 -15.35 29.41
N GLU B 257 7.06 -16.45 29.78
CA GLU B 257 7.42 -17.20 30.96
C GLU B 257 8.63 -18.07 30.66
N ASP B 258 9.60 -18.05 31.57
CA ASP B 258 10.80 -18.83 31.39
C ASP B 258 10.39 -20.30 31.22
N PRO B 259 10.85 -20.97 30.17
CA PRO B 259 10.45 -22.37 29.96
C PRO B 259 10.94 -23.31 31.05
N LYS B 260 12.08 -23.01 31.69
CA LYS B 260 12.64 -23.92 32.67
C LYS B 260 12.38 -23.53 34.13
N ILE B 261 12.06 -22.27 34.39
CA ILE B 261 12.14 -21.74 35.76
C ILE B 261 10.82 -21.16 36.26
N PRO B 262 10.13 -21.86 37.14
CA PRO B 262 8.79 -21.44 37.58
C PRO B 262 8.70 -19.97 37.93
N GLY B 263 7.71 -19.28 37.36
CA GLY B 263 7.42 -17.95 37.82
C GLY B 263 8.38 -16.89 37.35
N GLU B 264 9.28 -17.21 36.43
CA GLU B 264 10.32 -16.29 35.98
C GLU B 264 10.03 -15.86 34.56
N LYS B 265 10.17 -14.56 34.32
CA LYS B 265 9.84 -13.90 33.06
C LYS B 265 11.11 -13.53 32.30
N GLN B 266 11.07 -13.72 30.99
CA GLN B 266 12.06 -13.20 30.05
C GLN B 266 11.44 -12.14 29.14
N PHE B 267 12.20 -11.07 28.87
CA PHE B 267 11.79 -10.05 27.91
C PHE B 267 12.18 -10.46 26.49
N ALA B 268 11.29 -10.20 25.54
CA ALA B 268 11.61 -10.52 24.16
C ALA B 268 12.77 -9.67 23.65
N TYR B 269 13.49 -10.21 22.68
CA TYR B 269 14.48 -9.47 21.92
C TYR B 269 13.82 -8.97 20.63
N GLN B 270 14.04 -7.71 20.30
CA GLN B 270 13.35 -7.07 19.20
C GLN B 270 14.32 -6.42 18.24
N ASN B 271 13.91 -6.40 16.97
CA ASN B 271 14.50 -5.59 15.90
C ASN B 271 13.42 -4.71 15.29
N SER B 272 13.86 -3.64 14.64
CA SER B 272 13.01 -2.86 13.74
C SER B 272 13.89 -2.32 12.63
N TRP B 273 13.31 -2.19 11.44
CA TRP B 273 14.07 -1.85 10.25
C TRP B 273 13.16 -1.13 9.26
N GLY B 274 13.71 -0.19 8.50
CA GLY B 274 12.90 0.62 7.60
C GLY B 274 13.67 1.09 6.38
N LEU B 275 12.94 1.29 5.28
CA LEU B 275 13.46 1.78 4.01
C LEU B 275 12.39 2.65 3.36
N THR B 276 12.79 3.78 2.76
CA THR B 276 11.82 4.80 2.31
C THR B 276 11.99 5.14 0.83
N THR B 277 11.10 6.02 0.36
CA THR B 277 11.17 6.50 -1.02
C THR B 277 12.40 7.34 -1.28
N ARG B 278 13.18 7.64 -0.23
CA ARG B 278 14.49 8.27 -0.42
C ARG B 278 15.33 7.52 -1.45
N THR B 279 15.13 6.21 -1.55
CA THR B 279 15.79 5.42 -2.58
C THR B 279 15.74 6.08 -3.96
N ILE B 280 14.58 6.60 -4.35
CA ILE B 280 14.42 7.18 -5.69
C ILE B 280 15.23 8.46 -5.83
N GLY B 281 15.25 9.30 -4.80
CA GLY B 281 16.10 10.47 -4.86
C GLY B 281 17.58 10.13 -5.00
N VAL B 282 18.05 9.10 -4.28
CA VAL B 282 19.45 8.69 -4.41
C VAL B 282 19.72 8.18 -5.82
N MET B 283 18.80 7.38 -6.37
CA MET B 283 18.92 6.95 -7.76
C MET B 283 19.03 8.14 -8.69
N THR B 284 18.25 9.19 -8.44
CA THR B 284 18.28 10.37 -9.29
C THR B 284 19.62 11.10 -9.17
N MET B 285 20.06 11.36 -7.93
CA MET B 285 21.29 12.09 -7.69
C MET B 285 22.52 11.34 -8.18
N VAL B 286 22.50 10.01 -8.13
CA VAL B 286 23.68 9.23 -8.53
C VAL B 286 23.76 9.07 -10.05
N HIS B 287 22.68 8.62 -10.69
CA HIS B 287 22.72 8.29 -12.12
C HIS B 287 22.25 9.43 -13.04
N GLY B 288 21.62 10.46 -12.50
CA GLY B 288 21.14 11.53 -13.37
C GLY B 288 22.29 12.25 -14.05
N ASP B 289 22.02 12.72 -15.27
CA ASP B 289 22.98 13.47 -16.07
C ASP B 289 22.34 14.79 -16.53
N ASN B 290 23.03 15.55 -17.39
CA ASN B 290 22.47 16.81 -17.83
C ASN B 290 21.44 16.66 -18.94
N MET B 291 21.15 15.43 -19.37
CA MET B 291 20.03 15.19 -20.26
C MET B 291 18.79 14.75 -19.51
N GLY B 292 18.89 14.53 -18.20
CA GLY B 292 17.75 14.17 -17.39
C GLY B 292 17.91 12.92 -16.55
N LEU B 293 16.78 12.26 -16.28
CA LEU B 293 16.77 11.02 -15.51
C LEU B 293 17.50 9.91 -16.27
N VAL B 294 18.07 8.97 -15.52
CA VAL B 294 18.62 7.73 -16.10
C VAL B 294 18.11 6.59 -15.23
N LEU B 295 17.27 5.69 -15.82
CA LEU B 295 16.69 4.56 -15.09
C LEU B 295 17.55 3.31 -15.20
N PRO B 296 17.89 2.67 -14.08
CA PRO B 296 18.40 1.31 -14.17
C PRO B 296 17.34 0.37 -14.72
N PRO B 297 17.66 -0.42 -15.75
CA PRO B 297 16.66 -1.31 -16.36
C PRO B 297 15.88 -2.16 -15.36
N ARG B 298 16.51 -2.59 -14.27
CA ARG B 298 15.84 -3.51 -13.35
C ARG B 298 14.60 -2.89 -12.72
N VAL B 299 14.57 -1.56 -12.55
CA VAL B 299 13.40 -0.87 -12.01
C VAL B 299 12.62 -0.08 -13.05
N ALA B 300 13.12 0.03 -14.28
CA ALA B 300 12.44 0.81 -15.31
C ALA B 300 11.13 0.15 -15.70
N CYS B 301 10.02 0.86 -15.51
CA CYS B 301 8.73 0.32 -15.93
C CYS B 301 8.60 0.30 -17.45
N VAL B 302 9.29 1.20 -18.14
CA VAL B 302 9.51 1.10 -19.58
C VAL B 302 11.01 0.96 -19.79
N GLN B 303 11.43 -0.19 -20.33
CA GLN B 303 12.83 -0.43 -20.61
C GLN B 303 13.21 -0.02 -22.03
N VAL B 304 12.30 -0.24 -22.98
CA VAL B 304 12.50 0.15 -24.37
C VAL B 304 11.28 0.93 -24.80
N VAL B 305 11.50 2.12 -25.35
CA VAL B 305 10.46 2.90 -26.00
C VAL B 305 10.71 2.85 -27.51
N ILE B 306 9.67 2.51 -28.27
CA ILE B 306 9.74 2.46 -29.73
C ILE B 306 9.18 3.77 -30.29
N ILE B 307 9.94 4.44 -31.14
CA ILE B 307 9.52 5.70 -31.75
C ILE B 307 9.66 5.59 -33.27
N PRO B 308 8.59 5.76 -34.05
CA PRO B 308 8.74 5.82 -35.51
C PRO B 308 9.27 7.18 -35.97
N CYS B 309 10.29 7.15 -36.82
CA CYS B 309 10.90 8.39 -37.33
C CYS B 309 10.50 8.69 -38.76
N LYS B 320 1.17 5.34 -43.72
CA LYS B 320 1.47 4.94 -42.35
C LYS B 320 1.67 3.43 -42.16
N GLU B 321 0.71 2.63 -42.64
CA GLU B 321 0.47 1.31 -42.07
C GLU B 321 1.72 0.44 -42.05
N ALA B 322 2.60 0.56 -43.05
CA ALA B 322 3.74 -0.35 -43.13
C ALA B 322 4.73 -0.12 -41.99
N LEU B 323 5.04 1.14 -41.69
CA LEU B 323 6.09 1.42 -40.73
C LEU B 323 5.65 1.15 -39.29
N ILE B 324 4.37 1.37 -38.98
CA ILE B 324 3.87 1.09 -37.64
C ILE B 324 3.75 -0.40 -37.41
N ALA B 325 3.32 -1.13 -38.43
CA ALA B 325 3.22 -2.56 -38.29
C ALA B 325 4.56 -3.13 -37.87
N LYS B 326 5.64 -2.55 -38.41
CA LYS B 326 6.98 -2.91 -37.95
C LYS B 326 7.20 -2.53 -36.49
N CYS B 327 6.77 -1.32 -36.10
CA CYS B 327 6.91 -0.92 -34.69
C CYS B 327 6.17 -1.88 -33.76
N ASN B 328 4.94 -2.26 -34.12
CA ASN B 328 4.18 -3.17 -33.27
C ASN B 328 4.70 -4.60 -33.36
N ASP B 329 5.36 -4.96 -34.45
CA ASP B 329 5.95 -6.27 -34.53
C ASP B 329 7.14 -6.37 -33.58
N TYR B 330 7.86 -5.25 -33.40
CA TYR B 330 8.93 -5.19 -32.41
C TYR B 330 8.38 -5.25 -31.00
N ARG B 331 7.26 -4.55 -30.75
CA ARG B 331 6.74 -4.46 -29.39
C ARG B 331 6.06 -5.74 -28.94
N ARG B 332 5.41 -6.48 -29.85
CA ARG B 332 4.88 -7.77 -29.46
C ARG B 332 6.00 -8.77 -29.23
N ARG B 333 7.04 -8.70 -30.05
CA ARG B 333 8.15 -9.63 -29.88
C ARG B 333 8.93 -9.36 -28.60
N LEU B 334 9.06 -8.08 -28.21
CA LEU B 334 9.75 -7.77 -26.96
C LEU B 334 8.92 -8.16 -25.73
N LEU B 335 7.60 -7.95 -25.77
CA LEU B 335 6.76 -8.46 -24.70
C LEU B 335 6.92 -9.97 -24.55
N SER B 336 7.07 -10.68 -25.68
CA SER B 336 7.21 -12.13 -25.62
C SER B 336 8.47 -12.57 -24.90
N VAL B 337 9.48 -11.71 -24.78
CA VAL B 337 10.68 -12.03 -24.01
C VAL B 337 10.68 -11.33 -22.65
N ASN B 338 9.51 -10.89 -22.19
CA ASN B 338 9.33 -10.33 -20.85
C ASN B 338 9.93 -8.94 -20.70
N ILE B 339 10.27 -8.28 -21.82
CA ILE B 339 10.83 -6.94 -21.77
C ILE B 339 9.70 -5.92 -21.68
N ARG B 340 9.84 -4.95 -20.79
CA ARG B 340 8.83 -3.91 -20.65
C ARG B 340 9.08 -2.85 -21.73
N VAL B 341 8.16 -2.75 -22.67
CA VAL B 341 8.33 -1.92 -23.86
C VAL B 341 7.06 -1.11 -24.08
N ARG B 342 7.23 0.12 -24.57
CA ARG B 342 6.14 0.99 -24.99
C ARG B 342 6.38 1.41 -26.43
N ALA B 343 5.36 1.27 -27.27
CA ALA B 343 5.39 1.82 -28.62
C ALA B 343 4.72 3.18 -28.56
N ASP B 344 5.50 4.25 -28.72
CA ASP B 344 4.95 5.60 -28.77
C ASP B 344 4.55 5.92 -30.21
N LEU B 345 3.38 5.41 -30.58
CA LEU B 345 2.85 5.55 -31.93
C LEU B 345 1.97 6.79 -32.09
N ARG B 346 2.05 7.73 -31.15
CA ARG B 346 1.20 8.91 -31.22
C ARG B 346 1.60 9.78 -32.42
N ASP B 347 0.64 10.11 -33.27
CA ASP B 347 0.94 10.92 -34.44
C ASP B 347 1.03 12.42 -34.12
N ASN B 348 0.51 12.85 -32.98
CA ASN B 348 0.44 14.27 -32.63
C ASN B 348 1.74 14.83 -32.05
N TYR B 349 2.80 14.02 -31.97
CA TYR B 349 4.09 14.49 -31.48
C TYR B 349 5.17 14.16 -32.50
N SER B 350 6.06 15.12 -32.74
CA SER B 350 7.16 14.88 -33.65
C SER B 350 8.19 13.95 -32.99
N PRO B 351 8.88 13.13 -33.79
CA PRO B 351 9.88 12.22 -33.21
C PRO B 351 10.89 12.93 -32.31
N GLY B 352 11.37 14.11 -32.70
CA GLY B 352 12.26 14.88 -31.85
C GLY B 352 11.69 15.14 -30.47
N TRP B 353 10.40 15.47 -30.40
CA TRP B 353 9.74 15.62 -29.11
C TRP B 353 9.81 14.33 -28.31
N LYS B 354 9.54 13.20 -28.97
CA LYS B 354 9.55 11.91 -28.29
C LYS B 354 10.94 11.58 -27.77
N PHE B 355 11.98 11.80 -28.58
CA PHE B 355 13.35 11.58 -28.12
C PHE B 355 13.61 12.32 -26.82
N ASN B 356 13.37 13.64 -26.84
CA ASN B 356 13.51 14.45 -25.64
C ASN B 356 12.66 13.92 -24.49
N HIS B 357 11.43 13.52 -24.79
CA HIS B 357 10.48 13.14 -23.74
C HIS B 357 10.97 11.90 -22.98
N TRP B 358 11.29 10.83 -23.70
CA TRP B 358 11.68 9.60 -23.02
C TRP B 358 13.09 9.66 -22.48
N GLU B 359 13.94 10.53 -23.05
CA GLU B 359 15.26 10.74 -22.47
C GLU B 359 15.16 11.42 -21.11
N LEU B 360 14.35 12.49 -21.02
CA LEU B 360 14.11 13.11 -19.71
C LEU B 360 13.57 12.08 -18.71
N LYS B 361 12.77 11.14 -19.19
CA LYS B 361 12.18 10.17 -18.29
C LYS B 361 13.17 9.07 -17.97
N GLY B 362 14.26 8.98 -18.72
CA GLY B 362 15.31 8.03 -18.43
C GLY B 362 15.09 6.63 -18.94
N VAL B 363 14.26 6.45 -19.97
CA VAL B 363 14.08 5.08 -20.50
C VAL B 363 15.43 4.52 -20.91
N PRO B 364 15.81 3.32 -20.44
CA PRO B 364 17.15 2.79 -20.79
C PRO B 364 17.47 2.76 -22.27
N ILE B 365 16.53 2.37 -23.14
CA ILE B 365 16.81 2.21 -24.56
C ILE B 365 15.72 2.88 -25.39
N ARG B 366 16.14 3.70 -26.36
CA ARG B 366 15.24 4.19 -27.40
C ARG B 366 15.41 3.37 -28.66
N LEU B 367 14.32 2.78 -29.15
CA LEU B 367 14.34 1.99 -30.39
C LEU B 367 13.73 2.84 -31.51
N GLU B 368 14.58 3.32 -32.42
CA GLU B 368 14.17 4.15 -33.54
C GLU B 368 13.95 3.29 -34.77
N VAL B 369 12.83 3.51 -35.46
CA VAL B 369 12.54 2.83 -36.71
C VAL B 369 12.17 3.89 -37.73
N GLY B 370 12.92 3.94 -38.83
CA GLY B 370 12.59 4.78 -39.96
C GLY B 370 12.32 3.94 -41.19
N PRO B 371 11.86 4.59 -42.27
CA PRO B 371 11.60 3.83 -43.51
C PRO B 371 12.84 3.16 -44.06
N ARG B 372 14.00 3.80 -43.90
CA ARG B 372 15.28 3.22 -44.32
C ARG B 372 15.53 1.87 -43.67
N ASP B 373 15.48 1.83 -42.33
CA ASP B 373 15.83 0.62 -41.60
C ASP B 373 14.82 -0.50 -41.82
N MET B 374 13.53 -0.15 -41.82
CA MET B 374 12.48 -1.14 -42.06
C MET B 374 12.74 -1.95 -43.32
N LYS B 375 13.00 -1.25 -44.44
CA LYS B 375 13.30 -1.93 -45.69
C LYS B 375 14.60 -2.73 -45.60
N SER B 376 15.52 -2.30 -44.73
CA SER B 376 16.80 -2.99 -44.55
C SER B 376 16.71 -4.15 -43.58
N CYS B 377 15.56 -4.34 -42.90
CA CYS B 377 15.44 -5.29 -41.80
C CYS B 377 16.40 -4.89 -40.68
N GLN B 378 16.28 -3.63 -40.27
CA GLN B 378 17.26 -2.94 -39.44
C GLN B 378 16.51 -2.15 -38.37
N PHE B 379 17.21 -1.83 -37.28
CA PHE B 379 16.81 -0.67 -36.47
C PHE B 379 18.02 -0.17 -35.71
N VAL B 380 17.86 1.02 -35.11
CA VAL B 380 18.89 1.67 -34.29
C VAL B 380 18.42 1.74 -32.84
N ALA B 381 19.30 1.35 -31.92
CA ALA B 381 19.03 1.42 -30.49
C ALA B 381 19.97 2.42 -29.84
N VAL B 382 19.42 3.29 -29.00
CA VAL B 382 20.18 4.35 -28.35
C VAL B 382 20.11 4.11 -26.86
N ARG B 383 21.24 3.81 -26.23
CA ARG B 383 21.26 3.60 -24.80
C ARG B 383 21.35 4.93 -24.07
N ARG B 384 20.51 5.08 -23.06
CA ARG B 384 20.41 6.32 -22.32
C ARG B 384 21.68 6.65 -21.54
N ASP B 385 22.44 5.62 -21.11
CA ASP B 385 23.55 5.87 -20.19
C ASP B 385 24.77 6.45 -20.90
N THR B 386 25.15 5.88 -22.04
CA THR B 386 26.34 6.30 -22.77
C THR B 386 26.02 7.10 -24.03
N GLY B 387 24.83 6.93 -24.59
CA GLY B 387 24.44 7.61 -25.80
C GLY B 387 24.77 6.92 -27.10
N GLU B 388 25.47 5.78 -27.07
CA GLU B 388 25.76 5.06 -28.31
C GLU B 388 24.49 4.69 -29.08
N LYS B 389 24.52 4.97 -30.39
CA LYS B 389 23.55 4.45 -31.35
C LYS B 389 24.11 3.17 -31.91
N LEU B 390 23.31 2.11 -31.88
CA LEU B 390 23.74 0.80 -32.37
C LEU B 390 22.81 0.38 -33.49
N THR B 391 23.38 -0.05 -34.61
CA THR B 391 22.59 -0.57 -35.72
C THR B 391 22.56 -2.09 -35.62
N VAL B 392 21.37 -2.63 -35.41
CA VAL B 392 21.14 -4.05 -35.17
C VAL B 392 20.21 -4.59 -36.25
N ALA B 393 20.42 -5.84 -36.64
CA ALA B 393 19.48 -6.49 -37.56
C ALA B 393 18.16 -6.77 -36.84
N GLU B 394 17.08 -6.83 -37.62
CA GLU B 394 15.76 -7.04 -37.04
C GLU B 394 15.66 -8.37 -36.30
N ASN B 395 16.23 -9.44 -36.88
CA ASN B 395 16.16 -10.78 -36.29
C ASN B 395 16.76 -10.80 -34.90
N GLU B 396 17.66 -9.88 -34.65
CA GLU B 396 18.58 -9.73 -33.54
C GLU B 396 17.92 -9.08 -32.32
N ALA B 397 16.59 -8.92 -32.35
CA ALA B 397 15.91 -7.93 -31.54
C ALA B 397 15.84 -8.34 -30.06
N GLU B 398 15.21 -9.48 -29.77
CA GLU B 398 15.09 -9.89 -28.37
C GLU B 398 16.46 -10.19 -27.78
N THR B 399 17.33 -10.84 -28.54
CA THR B 399 18.61 -11.22 -27.96
C THR B 399 19.51 -10.01 -27.71
N LYS B 400 19.61 -9.11 -28.70
CA LYS B 400 20.57 -8.03 -28.54
C LYS B 400 20.06 -6.95 -27.60
N LEU B 401 18.74 -6.68 -27.60
CA LEU B 401 18.21 -5.66 -26.72
C LEU B 401 18.34 -6.07 -25.26
N GLN B 402 18.11 -7.35 -24.95
CA GLN B 402 18.27 -7.75 -23.56
C GLN B 402 19.74 -7.71 -23.15
N ALA B 403 20.65 -8.00 -24.08
CA ALA B 403 22.08 -7.90 -23.77
C ALA B 403 22.48 -6.46 -23.47
N ILE B 404 21.89 -5.51 -24.19
CA ILE B 404 22.16 -4.09 -23.91
C ILE B 404 21.61 -3.70 -22.55
N LEU B 405 20.40 -4.18 -22.22
CA LEU B 405 19.78 -3.82 -20.94
C LEU B 405 20.65 -4.25 -19.76
N GLU B 406 21.23 -5.45 -19.83
CA GLU B 406 22.09 -5.92 -18.75
C GLU B 406 23.42 -5.17 -18.69
N ASP B 407 23.92 -4.71 -19.84
CA ASP B 407 25.16 -3.93 -19.79
C ASP B 407 24.92 -2.52 -19.26
N ILE B 408 23.73 -1.95 -19.52
CA ILE B 408 23.37 -0.66 -18.94
C ILE B 408 23.37 -0.75 -17.43
N GLN B 409 22.69 -1.78 -16.88
CA GLN B 409 22.67 -2.01 -15.45
C GLN B 409 24.09 -2.16 -14.89
N VAL B 410 24.89 -3.04 -15.50
CA VAL B 410 26.28 -3.20 -15.06
C VAL B 410 27.05 -1.90 -15.25
N THR B 411 26.84 -1.21 -16.37
CA THR B 411 27.59 0.03 -16.61
C THR B 411 27.24 1.09 -15.57
N LEU B 412 25.95 1.25 -15.28
CA LEU B 412 25.56 2.24 -14.27
C LEU B 412 26.17 1.91 -12.92
N PHE B 413 26.18 0.63 -12.55
CA PHE B 413 26.77 0.27 -11.25
C PHE B 413 28.28 0.45 -11.26
N THR B 414 28.94 0.07 -12.35
CA THR B 414 30.39 0.20 -12.40
C THR B 414 30.83 1.66 -12.31
N ARG B 415 30.14 2.55 -13.05
CA ARG B 415 30.49 3.97 -13.01
C ARG B 415 30.33 4.54 -11.61
N ALA B 416 29.23 4.21 -10.94
CA ALA B 416 29.04 4.71 -9.58
C ALA B 416 29.99 4.04 -8.60
N SER B 417 30.36 2.79 -8.84
CA SER B 417 31.35 2.11 -8.01
C SER B 417 32.68 2.85 -8.06
N GLU B 418 33.24 2.98 -9.27
CA GLU B 418 34.53 3.65 -9.41
C GLU B 418 34.47 5.09 -8.93
N ASP B 419 33.29 5.71 -9.01
CA ASP B 419 33.12 7.02 -8.42
C ASP B 419 33.21 6.95 -6.90
N LEU B 420 32.62 5.92 -6.28
CA LEU B 420 32.70 5.76 -4.83
C LEU B 420 34.12 5.46 -4.38
N LYS B 421 34.83 4.57 -5.09
CA LYS B 421 36.23 4.32 -4.75
C LYS B 421 37.05 5.60 -4.84
N THR B 422 36.77 6.43 -5.85
CA THR B 422 37.53 7.66 -6.02
C THR B 422 37.33 8.61 -4.84
N HIS B 423 36.11 8.70 -4.31
CA HIS B 423 35.80 9.70 -3.30
C HIS B 423 35.74 9.16 -1.89
N MET B 424 36.18 7.90 -1.67
CA MET B 424 36.24 7.30 -0.34
C MET B 424 37.66 6.81 -0.10
N VAL B 425 38.42 7.54 0.72
CA VAL B 425 39.84 7.31 0.94
C VAL B 425 40.11 7.29 2.45
N VAL B 426 41.38 7.11 2.82
CA VAL B 426 41.76 6.94 4.22
C VAL B 426 42.73 8.03 4.63
N ALA B 427 42.50 8.59 5.83
CA ALA B 427 43.38 9.55 6.46
C ALA B 427 43.51 9.18 7.94
N ASN B 428 44.65 9.51 8.55
CA ASN B 428 44.90 9.09 9.93
C ASN B 428 45.19 10.23 10.91
N THR B 429 45.22 11.48 10.47
CA THR B 429 45.33 12.62 11.38
C THR B 429 44.45 13.75 10.87
N MET B 430 44.00 14.59 11.80
CA MET B 430 42.99 15.57 11.43
C MET B 430 43.35 16.43 10.23
N GLU B 431 44.59 16.92 10.14
CA GLU B 431 44.89 17.86 9.06
C GLU B 431 44.71 17.19 7.69
N ASP B 432 45.11 15.91 7.58
CA ASP B 432 44.91 15.20 6.32
C ASP B 432 43.43 14.96 6.08
N PHE B 433 42.71 14.64 7.16
CA PHE B 433 41.27 14.42 7.09
C PHE B 433 40.55 15.63 6.48
N GLN B 434 40.86 16.84 6.95
CA GLN B 434 40.17 18.01 6.40
C GLN B 434 40.49 18.24 4.94
N LYS B 435 41.75 18.03 4.52
CA LYS B 435 42.08 18.36 3.13
C LYS B 435 41.30 17.48 2.16
N ILE B 436 41.17 16.18 2.44
CA ILE B 436 40.34 15.31 1.61
C ILE B 436 38.87 15.72 1.70
N LEU B 437 38.40 16.04 2.90
CA LEU B 437 37.00 16.38 3.09
C LEU B 437 36.63 17.64 2.31
N ASP B 438 37.54 18.63 2.27
CA ASP B 438 37.29 19.84 1.51
C ASP B 438 37.39 19.63 0.00
N SER B 439 37.89 18.49 -0.47
CA SER B 439 37.95 18.19 -1.89
C SER B 439 36.69 17.47 -2.40
N GLY B 440 35.64 17.39 -1.57
CA GLY B 440 34.40 16.74 -1.97
C GLY B 440 34.41 15.25 -1.78
N LYS B 441 35.11 14.74 -0.77
CA LYS B 441 35.25 13.30 -0.59
C LYS B 441 34.89 12.91 0.82
N ILE B 442 34.64 11.61 1.00
CA ILE B 442 34.42 11.05 2.33
C ILE B 442 35.62 10.17 2.64
N VAL B 443 35.93 10.03 3.92
CA VAL B 443 37.17 9.38 4.30
C VAL B 443 36.96 8.57 5.59
N GLN B 444 37.59 7.39 5.62
CA GLN B 444 37.60 6.54 6.81
C GLN B 444 38.80 6.89 7.67
N ILE B 445 38.54 7.20 8.93
CA ILE B 445 39.58 7.68 9.85
C ILE B 445 39.58 6.89 11.16
N PRO B 446 40.72 6.71 11.82
CA PRO B 446 40.74 6.04 13.12
C PRO B 446 40.07 6.91 14.18
N PHE B 447 39.18 6.31 14.96
CA PHE B 447 38.23 7.08 15.76
C PHE B 447 38.10 6.53 17.17
N CYS B 448 38.05 7.44 18.15
CA CYS B 448 37.83 7.06 19.54
C CYS B 448 36.51 6.34 19.69
N GLY B 449 35.49 6.85 19.00
CA GLY B 449 34.13 6.45 19.21
C GLY B 449 33.37 7.30 20.19
N GLU B 450 34.04 8.22 20.89
CA GLU B 450 33.39 8.95 21.96
C GLU B 450 32.66 10.20 21.47
N ILE B 451 31.54 10.50 22.12
CA ILE B 451 30.65 11.56 21.67
C ILE B 451 31.35 12.91 21.71
N ASP B 452 32.11 13.16 22.78
CA ASP B 452 32.85 14.40 22.90
C ASP B 452 33.77 14.60 21.69
N CYS B 453 34.49 13.55 21.33
CA CYS B 453 35.41 13.64 20.20
C CYS B 453 34.65 13.85 18.90
N GLU B 454 33.52 13.17 18.73
CA GLU B 454 32.75 13.28 17.49
C GLU B 454 32.13 14.67 17.36
N ASP B 455 31.70 15.26 18.48
CA ASP B 455 31.27 16.65 18.47
C ASP B 455 32.40 17.57 17.98
N TRP B 456 33.61 17.37 18.53
CA TRP B 456 34.75 18.19 18.16
C TRP B 456 35.08 18.06 16.67
N ILE B 457 35.04 16.83 16.13
CA ILE B 457 35.20 16.66 14.69
C ILE B 457 34.12 17.45 13.97
N LYS B 458 32.91 17.46 14.52
CA LYS B 458 31.79 18.12 13.85
C LYS B 458 32.05 19.61 13.66
N LYS B 459 32.58 20.29 14.68
CA LYS B 459 32.73 21.73 14.58
C LYS B 459 34.09 22.17 14.06
N THR B 460 35.11 21.30 14.15
CA THR B 460 36.41 21.64 13.57
C THR B 460 36.34 21.62 12.05
N THR B 461 35.68 20.61 11.48
CA THR B 461 35.52 20.55 10.04
C THR B 461 34.59 21.64 9.52
N ALA B 462 33.78 22.23 10.40
CA ALA B 462 32.88 23.33 10.04
C ALA B 462 33.61 24.66 9.95
N MET B 474 28.17 22.23 6.78
CA MET B 474 29.61 22.15 6.67
C MET B 474 30.34 21.21 7.62
N GLY B 475 29.86 20.94 8.83
CA GLY B 475 30.54 19.96 9.66
C GLY B 475 30.39 18.56 9.11
N ALA B 476 31.39 17.74 9.38
CA ALA B 476 31.35 16.34 8.99
C ALA B 476 30.76 15.51 10.11
N LYS B 477 29.89 14.57 9.75
CA LYS B 477 29.36 13.60 10.69
C LYS B 477 30.04 12.26 10.47
N SER B 478 29.94 11.40 11.48
CA SER B 478 30.19 9.99 11.23
C SER B 478 29.04 9.45 10.40
N LEU B 479 29.36 8.59 9.44
CA LEU B 479 28.35 7.94 8.62
C LEU B 479 28.07 6.53 9.12
N CYS B 480 29.12 5.71 9.21
CA CYS B 480 29.03 4.37 9.75
C CYS B 480 30.45 3.89 10.06
N ILE B 481 30.53 2.87 10.91
CA ILE B 481 31.73 2.08 11.08
C ILE B 481 31.64 0.91 10.10
N PRO B 482 32.39 0.92 8.99
CA PRO B 482 32.20 -0.11 7.97
C PRO B 482 32.52 -1.51 8.50
N PHE B 483 31.69 -2.47 8.09
CA PHE B 483 31.96 -3.87 8.40
C PHE B 483 33.31 -4.30 7.84
N LYS B 484 33.63 -3.86 6.62
CA LYS B 484 34.88 -4.19 5.93
C LYS B 484 35.57 -2.88 5.60
N PRO B 485 36.31 -2.30 6.55
CA PRO B 485 36.97 -1.02 6.29
C PRO B 485 38.05 -1.17 5.24
N LEU B 486 38.50 -0.04 4.72
CA LEU B 486 39.49 -0.05 3.63
C LEU B 486 40.81 -0.64 4.09
N CYS B 487 41.29 -0.19 5.25
CA CYS B 487 42.52 -0.68 5.84
C CYS B 487 42.23 -1.31 7.19
N GLU B 488 43.06 -2.27 7.57
CA GLU B 488 43.04 -2.74 8.94
C GLU B 488 43.69 -1.68 9.81
N LEU B 489 43.17 -1.50 11.01
CA LEU B 489 43.68 -0.44 11.88
C LEU B 489 45.09 -0.80 12.33
N GLN B 490 45.99 0.17 12.18
CA GLN B 490 47.39 -0.07 12.49
C GLN B 490 47.54 -0.45 13.97
N PRO B 491 48.41 -1.41 14.30
CA PRO B 491 48.67 -1.74 15.71
C PRO B 491 48.86 -0.53 16.61
N GLY B 492 48.02 -0.42 17.65
CA GLY B 492 48.12 0.68 18.60
C GLY B 492 47.88 2.06 18.03
N ALA B 493 47.24 2.16 16.86
CA ALA B 493 46.93 3.46 16.26
C ALA B 493 46.02 4.28 17.16
N LYS B 494 46.23 5.59 17.17
CA LYS B 494 45.44 6.50 17.99
C LYS B 494 44.41 7.22 17.14
N CYS B 495 43.37 7.73 17.81
CA CYS B 495 42.31 8.47 17.12
C CYS B 495 42.89 9.74 16.48
N VAL B 496 42.09 10.38 15.63
CA VAL B 496 42.55 11.61 14.98
C VAL B 496 42.46 12.81 15.93
N ASN B 500 42.98 9.63 22.93
CA ASN B 500 42.52 8.25 23.08
C ASN B 500 42.94 7.38 21.90
N PRO B 501 43.11 6.09 22.15
CA PRO B 501 43.42 5.16 21.06
C PRO B 501 42.22 4.93 20.16
N ALA B 502 42.51 4.57 18.91
CA ALA B 502 41.46 4.30 17.95
C ALA B 502 40.82 2.95 18.23
N LYS B 503 39.48 2.90 18.19
CA LYS B 503 38.80 1.62 18.28
C LYS B 503 38.50 1.02 16.92
N TYR B 504 38.27 1.86 15.92
CA TYR B 504 37.80 1.35 14.62
C TYR B 504 37.93 2.45 13.59
N TYR B 505 38.23 2.04 12.36
CA TYR B 505 38.09 2.94 11.24
C TYR B 505 36.61 3.26 11.06
N THR B 506 36.29 4.56 11.01
CA THR B 506 34.93 5.05 10.90
C THR B 506 34.81 5.94 9.66
N LEU B 507 33.75 5.71 8.87
CA LEU B 507 33.47 6.48 7.66
C LEU B 507 32.85 7.82 8.03
N PHE B 508 33.56 8.91 7.73
CA PHE B 508 33.12 10.26 8.04
C PHE B 508 32.87 11.04 6.76
N GLY B 509 32.04 12.06 6.86
CA GLY B 509 31.77 12.89 5.70
C GLY B 509 30.71 13.93 6.00
N ARG B 510 30.54 14.83 5.05
CA ARG B 510 29.36 15.67 5.01
C ARG B 510 28.18 14.87 4.48
N SER B 511 27.01 15.06 5.10
CA SER B 511 25.89 14.18 4.82
C SER B 511 24.58 14.95 4.81
N TYR B 512 23.56 14.31 4.23
CA TYR B 512 22.20 14.78 4.29
C TYR B 512 21.60 14.48 5.66
#